data_8YN6
#
_entry.id   8YN6
#
_cell.length_a   1.00
_cell.length_b   1.00
_cell.length_c   1.00
_cell.angle_alpha   90.00
_cell.angle_beta   90.00
_cell.angle_gamma   90.00
#
_symmetry.space_group_name_H-M   'P 1'
#
loop_
_entity.id
_entity.type
_entity.pdbx_description
1 polymer 'Guanine nucleotide-binding protein G(i) subunit alpha-1'
2 polymer 'Guanine nucleotide-binding protein G(I)/G(S)/G(T) subunit beta-1'
3 polymer 'Guanine nucleotide-binding protein G(I)/G(S)/G(O) subunit gamma-2'
4 polymer 'Antibody fragment scFv16'
5 polymer 'Histamine H3 receptor'
6 non-polymer '2-(1~{H}-imidazol-5-yl)ethyl carbamimidothioate'
7 non-polymer CHOLESTEROL
#
loop_
_entity_poly.entity_id
_entity_poly.type
_entity_poly.pdbx_seq_one_letter_code
_entity_poly.pdbx_strand_id
1 'polypeptide(L)'
;MGCTLSAEDKAAVERSKMIDRNLREDGEKAAREVKLLLLGAGESGKNTIVKQMKIIHEAGYSEEECKQYKAVVYSNTIQS
IIAIIRAMGRLKIDFGDSARADDARQLFVLAGAAEEGFMTAELAGVIKRLWKDSGVQACFNRSREYQLNDSAAYYLNDLD
RIAQPNYIPTQQDVLRTRVKTTGIVETHFTFKDLHFKMFDVGAQRSERKKWIHCFEGVTAIIFCVALSDYDLVLAEDEEM
NRMHASMKLFDSICNNKWFTDTSIILFLNKKDLFEEKIKKSPLTICYPEYAGSNTYEEAAAYIQCQFEDLNKRKDTKEIY
THFTCSTDTKNVQFVFDAVTDVIIKNNLKDCGLF
;
A
2 'polypeptide(L)'
;MHHHHHHGSSGSELDQLRQEAEQLKNQIRDARKACADATLSQITNNIDPVGRIQMRTRRTLRGHLAKIYAMHWGTDSRLL
VSASQDGKLIIWDSYTTNKVHAIPLRSSWVMTCAYAPSGNYVACGGLDNICSIYNLKTREGNVRVSRELAGHTGYLSCCR
FLDDNQIVTSSGDTTCALWDIETGQQTTTFTGHTGDVMSLSLAPDTRLFVSGACDASAKLWDVREGMCRQTFTGHESDIN
AICFFPNGNAFATGSDDATCRLFDLRADQELMTYSHDNIICGITSVSFSKSGRLLLAGYDDFNCNVWDALKADRAGVLAG
HDNRVSCLGVTDDGMAVATGSWDSFLKIWNGSSGGGGSGGGGSSGVSGWRLFKKIS
;
B
3 'polypeptide(L)' MASNNTASIAQARKLVEQLKMEANIDRIKVSKAAADLMAYCEAHAKEDPLLTPVPASENPFREKKFFCAIL C
4 'polypeptide(L)'
;DVQLVESGGGLVQPGGSRKLSCSASGFAFSSFGMHWVRQAPEKGLEWVAYISSGSGTIYYADTVKGRFTISRDDPKNTLF
LQMTSLRSEDTAMYYCVRSIYYYGSSPFDFWGQGTTLTVSSGGGGSGGGGSGGGGSDIVMTQATSSVPVTPGESVSISCR
SSKSLLHSNGNTYLYWFLQRPGQSPQLLIYRMSNLASGVPDRFSGSGSGTAFTLTISRLEAEDVGVYYCMQHLEYPLTFG
AGTKLELLEENLYFQ
;
E
5 'polypeptide(L)'
;DYKDDDDHHHHHHHHGQPGNGSAFLLAPNGSHAPDHNVTQQRDEENLYFQGVDMERAPPDGPLNASGALAGEAAAAGGAR
GFSAAWTAVLAALMALLIVATVLGNALVMLAFVADSSLRTQNNFFLLNLAISDFLVGAFCIPLYVPYVLTGRWTFGRGLC
KLWLVVDYLLCTSSAFNIVLISYDRFLSVTRAVSYRAQQGDTRRAVRKMLLVWVLAFLLYGPAILSWEYLSGGSSIPEGH
CYAEFFYNWYFLITASTLEFFTPFLSVTFFNLSIYLNIQRRTRLRLDGAREAAGPEPPPEAQPSPPPPPGCWGCWQKGHG
EAMPLHRYGVGEAAVGAEAGEATLGGGGGGGSVASPTSSSGSSSRGTERPRSLKRGSKPSASSASLEKRMKMVSQSFTQR
FRLSRDRKVAKSLAVIVSIFGLCWAPYTLLMIIRAACHGHCVPDYWYETSFWLLWANSAVNPVLYPLCHHSFRRAFTKLL
CPQKLKIQPHSSLEHCWKAAAVFTLEDFVGDWEQTAAYNLDQVLEQGGVSSLLQNLAVSVTPIQRIVRSGENALKIDIHV
IIPYEGLSADQMAQIEEVFKVVYPVDDHHFKVILPYGTLVIDGVTPNMLNYFGRPYEGIAVFDGKKITVTGTLWNGNKII
DERLITPDGSMLFRVTINS
;
R
#
# COMPACT_ATOMS: atom_id res chain seq x y z
N THR A 4 -9.16 16.92 20.39
CA THR A 4 -10.48 16.34 20.51
C THR A 4 -10.41 14.84 20.75
N LEU A 5 -9.25 14.26 20.49
CA LEU A 5 -9.05 12.83 20.71
C LEU A 5 -8.88 12.55 22.20
N SER A 6 -9.26 11.33 22.59
CA SER A 6 -9.11 10.91 23.97
C SER A 6 -7.67 10.50 24.24
N ALA A 7 -7.40 10.13 25.50
CA ALA A 7 -6.05 9.70 25.87
C ALA A 7 -5.65 8.44 25.11
N GLU A 8 -6.58 7.48 25.00
CA GLU A 8 -6.28 6.25 24.29
C GLU A 8 -6.29 6.44 22.77
N ASP A 9 -7.11 7.36 22.26
CA ASP A 9 -7.11 7.63 20.83
C ASP A 9 -5.77 8.20 20.38
N LYS A 10 -5.19 9.11 21.16
CA LYS A 10 -3.88 9.65 20.83
C LYS A 10 -2.81 8.57 20.83
N ALA A 11 -2.88 7.66 21.80
CA ALA A 11 -1.95 6.54 21.83
C ALA A 11 -2.14 5.61 20.63
N ALA A 12 -3.39 5.40 20.21
CA ALA A 12 -3.64 4.60 19.02
C ALA A 12 -3.13 5.27 17.76
N VAL A 13 -3.29 6.59 17.66
CA VAL A 13 -2.75 7.33 16.52
C VAL A 13 -1.23 7.24 16.50
N GLU A 14 -0.60 7.34 17.67
CA GLU A 14 0.85 7.23 17.76
C GLU A 14 1.34 5.85 17.36
N ARG A 15 0.59 4.81 17.70
CA ARG A 15 0.94 3.46 17.26
C ARG A 15 0.91 3.34 15.75
N SER A 16 -0.09 3.94 15.12
CA SER A 16 -0.18 3.91 13.67
C SER A 16 1.02 4.61 13.02
N LYS A 17 1.46 5.72 13.61
CA LYS A 17 2.64 6.42 13.09
C LYS A 17 3.88 5.53 13.18
N MET A 18 4.01 4.77 14.27
CA MET A 18 5.12 3.84 14.41
C MET A 18 5.08 2.78 13.33
N ILE A 19 3.88 2.28 13.01
CA ILE A 19 3.72 1.29 11.95
C ILE A 19 4.10 1.91 10.62
N ASP A 20 3.66 3.14 10.37
CA ASP A 20 3.99 3.84 9.12
C ASP A 20 5.49 4.02 8.97
N ARG A 21 6.20 4.31 10.06
CA ARG A 21 7.64 4.47 9.99
C ARG A 21 8.31 3.16 9.59
N ASN A 22 7.83 2.04 10.12
CA ASN A 22 8.42 0.75 9.78
C ASN A 22 8.05 0.32 8.36
N LEU A 23 6.87 0.70 7.88
CA LEU A 23 6.52 0.38 6.50
C LEU A 23 7.43 1.11 5.52
N ARG A 24 7.77 2.36 5.81
CA ARG A 24 8.70 3.08 4.94
C ARG A 24 10.08 2.46 4.94
N GLU A 25 10.56 2.04 6.11
CA GLU A 25 11.88 1.41 6.19
C GLU A 25 11.89 0.09 5.42
N ASP A 26 10.82 -0.69 5.54
CA ASP A 26 10.70 -1.91 4.76
C ASP A 26 10.61 -1.64 3.27
N GLY A 27 9.90 -0.57 2.89
CA GLY A 27 9.83 -0.24 1.47
C GLY A 27 11.16 0.19 0.90
N GLU A 28 11.93 0.98 1.65
CA GLU A 28 13.26 1.36 1.19
C GLU A 28 14.18 0.15 1.10
N LYS A 29 14.08 -0.76 2.07
CA LYS A 29 14.90 -1.97 2.03
C LYS A 29 14.49 -2.88 0.88
N ALA A 30 13.20 -2.98 0.59
CA ALA A 30 12.75 -3.80 -0.53
C ALA A 30 13.01 -3.14 -1.87
N ALA A 31 13.21 -1.83 -1.88
CA ALA A 31 13.51 -1.10 -3.09
C ALA A 31 14.96 -1.26 -3.54
N ARG A 32 15.85 -1.66 -2.64
CA ARG A 32 17.24 -1.90 -3.01
C ARG A 32 17.47 -3.30 -3.54
N GLU A 33 16.45 -4.15 -3.53
CA GLU A 33 16.56 -5.51 -4.01
C GLU A 33 16.22 -5.56 -5.49
N VAL A 34 16.99 -6.34 -6.24
CA VAL A 34 16.75 -6.53 -7.66
C VAL A 34 15.93 -7.81 -7.80
N LYS A 35 14.70 -7.67 -8.27
CA LYS A 35 13.83 -8.82 -8.45
C LYS A 35 13.97 -9.34 -9.87
N LEU A 36 14.38 -10.59 -10.00
CA LEU A 36 14.57 -11.23 -11.29
C LEU A 36 13.62 -12.42 -11.40
N LEU A 37 12.92 -12.50 -12.51
CA LEU A 37 12.03 -13.61 -12.81
C LEU A 37 12.78 -14.58 -13.69
N LEU A 38 12.92 -15.82 -13.23
CA LEU A 38 13.68 -16.85 -13.94
C LEU A 38 12.71 -17.73 -14.70
N LEU A 39 12.87 -17.79 -16.01
CA LEU A 39 12.00 -18.56 -16.89
C LEU A 39 12.83 -19.44 -17.81
N GLY A 40 12.16 -20.36 -18.46
CA GLY A 40 12.81 -21.28 -19.37
C GLY A 40 12.10 -22.61 -19.40
N ALA A 41 12.50 -23.44 -20.37
CA ALA A 41 11.91 -24.76 -20.52
C ALA A 41 12.69 -25.78 -19.71
N GLY A 42 12.20 -27.02 -19.69
CA GLY A 42 12.87 -28.07 -18.96
C GLY A 42 14.15 -28.51 -19.65
N GLU A 43 15.11 -28.93 -18.84
CA GLU A 43 16.43 -29.38 -19.32
C GLU A 43 17.10 -28.31 -20.18
N SER A 44 16.97 -27.05 -19.76
CA SER A 44 17.55 -25.93 -20.49
C SER A 44 18.65 -25.23 -19.69
N GLY A 45 19.24 -25.91 -18.73
CA GLY A 45 20.24 -25.27 -17.89
C GLY A 45 19.68 -24.31 -16.88
N LYS A 46 18.36 -24.31 -16.68
CA LYS A 46 17.74 -23.39 -15.73
C LYS A 46 18.22 -23.66 -14.32
N ASN A 47 18.32 -24.93 -13.94
CA ASN A 47 18.82 -25.28 -12.62
C ASN A 47 20.31 -25.04 -12.50
N THR A 48 21.07 -25.25 -13.58
CA THR A 48 22.51 -25.01 -13.54
C THR A 48 22.83 -23.53 -13.36
N ILE A 49 22.00 -22.65 -13.90
CA ILE A 49 22.21 -21.21 -13.70
C ILE A 49 22.10 -20.86 -12.23
N VAL A 50 21.10 -21.41 -11.53
CA VAL A 50 20.91 -21.11 -10.11
C VAL A 50 22.13 -21.54 -9.31
N LYS A 51 22.72 -22.67 -9.67
CA LYS A 51 23.94 -23.12 -9.00
C LYS A 51 25.08 -22.14 -9.19
N GLN A 52 25.23 -21.61 -10.42
CA GLN A 52 26.26 -20.60 -10.67
C GLN A 52 25.97 -19.31 -9.91
N MET A 53 24.69 -18.92 -9.82
CA MET A 53 24.32 -17.73 -9.08
C MET A 53 24.40 -17.91 -7.57
N LYS A 54 24.58 -19.14 -7.10
CA LYS A 54 24.68 -19.46 -5.67
C LYS A 54 23.55 -18.83 -4.85
N THR A 182 7.12 -25.72 -2.53
CA THR A 182 6.25 -26.45 -3.44
C THR A 182 5.66 -25.52 -4.49
N GLY A 183 5.78 -24.22 -4.26
CA GLY A 183 5.26 -23.22 -5.18
C GLY A 183 6.37 -22.44 -5.85
N ILE A 184 6.50 -21.18 -5.51
CA ILE A 184 7.52 -20.31 -6.08
C ILE A 184 8.81 -20.49 -5.28
N VAL A 185 9.93 -20.57 -5.98
CA VAL A 185 11.24 -20.75 -5.38
C VAL A 185 11.99 -19.43 -5.53
N GLU A 186 12.49 -18.91 -4.40
CA GLU A 186 13.18 -17.63 -4.37
C GLU A 186 14.63 -17.87 -4.03
N THR A 187 15.51 -17.21 -4.78
CA THR A 187 16.95 -17.30 -4.57
C THR A 187 17.50 -15.91 -4.25
N HIS A 188 18.33 -15.84 -3.22
CA HIS A 188 18.92 -14.58 -2.79
C HIS A 188 20.43 -14.66 -2.93
N PHE A 189 21.03 -13.67 -3.59
CA PHE A 189 22.47 -13.59 -3.67
C PHE A 189 22.87 -12.13 -3.81
N THR A 190 24.10 -11.84 -3.42
CA THR A 190 24.62 -10.47 -3.41
C THR A 190 25.90 -10.43 -4.23
N PHE A 191 26.00 -9.44 -5.12
CA PHE A 191 27.18 -9.28 -5.96
C PHE A 191 27.51 -7.79 -6.01
N LYS A 192 28.62 -7.40 -5.41
CA LYS A 192 29.11 -6.03 -5.40
C LYS A 192 28.08 -5.07 -4.81
N ASP A 193 27.72 -5.35 -3.55
CA ASP A 193 26.81 -4.50 -2.78
C ASP A 193 25.45 -4.33 -3.44
N LEU A 194 25.02 -5.33 -4.21
CA LEU A 194 23.71 -5.31 -4.85
C LEU A 194 23.01 -6.63 -4.56
N HIS A 195 21.79 -6.54 -4.04
CA HIS A 195 21.03 -7.72 -3.65
C HIS A 195 20.08 -8.13 -4.76
N PHE A 196 20.10 -9.40 -5.11
CA PHE A 196 19.29 -9.94 -6.18
C PHE A 196 18.31 -10.93 -5.59
N LYS A 197 17.04 -10.82 -5.97
CA LYS A 197 16.02 -11.80 -5.63
C LYS A 197 15.56 -12.46 -6.92
N MET A 198 15.91 -13.73 -7.08
CA MET A 198 15.56 -14.46 -8.28
C MET A 198 14.42 -15.41 -7.96
N PHE A 199 13.36 -15.36 -8.76
CA PHE A 199 12.15 -16.14 -8.52
C PHE A 199 12.00 -17.17 -9.62
N ASP A 200 11.83 -18.42 -9.23
CA ASP A 200 11.59 -19.53 -10.15
C ASP A 200 10.15 -19.97 -10.01
N VAL A 201 9.43 -20.01 -11.13
CA VAL A 201 8.02 -20.36 -11.11
C VAL A 201 7.78 -21.57 -11.99
N GLY A 202 8.80 -22.43 -12.11
CA GLY A 202 8.65 -23.64 -12.90
C GLY A 202 7.74 -24.67 -12.25
N ALA A 203 7.61 -24.64 -10.93
CA ALA A 203 6.76 -25.58 -10.22
C ALA A 203 5.27 -25.26 -10.37
N GLN A 204 4.92 -24.03 -10.73
CA GLN A 204 3.53 -23.63 -10.87
C GLN A 204 2.98 -24.23 -12.16
N ARG A 205 2.19 -25.29 -12.04
CA ARG A 205 1.58 -25.93 -13.20
C ARG A 205 0.21 -25.36 -13.54
N SER A 206 -0.24 -24.35 -12.81
CA SER A 206 -1.54 -23.74 -13.06
C SER A 206 -1.45 -22.81 -14.27
N GLU A 207 -2.53 -22.10 -14.55
CA GLU A 207 -2.54 -21.19 -15.70
C GLU A 207 -1.61 -20.02 -15.45
N ARG A 208 -0.71 -19.77 -16.40
CA ARG A 208 0.28 -18.71 -16.23
C ARG A 208 -0.36 -17.32 -16.20
N LYS A 209 -1.37 -17.10 -17.05
CA LYS A 209 -1.95 -15.77 -17.18
C LYS A 209 -2.66 -15.31 -15.91
N LYS A 210 -3.02 -16.22 -15.03
CA LYS A 210 -3.72 -15.84 -13.80
C LYS A 210 -2.80 -15.26 -12.74
N TRP A 211 -1.49 -15.48 -12.85
CA TRP A 211 -0.55 -14.97 -11.87
C TRP A 211 0.69 -14.33 -12.47
N ILE A 212 0.79 -14.24 -13.80
CA ILE A 212 1.97 -13.64 -14.39
C ILE A 212 1.99 -12.13 -14.17
N HIS A 213 0.84 -11.51 -13.92
CA HIS A 213 0.82 -10.08 -13.62
C HIS A 213 1.38 -9.79 -12.24
N CYS A 214 1.46 -10.80 -11.37
CA CYS A 214 2.06 -10.60 -10.06
C CYS A 214 3.53 -10.24 -10.18
N PHE A 215 4.17 -10.58 -11.29
CA PHE A 215 5.58 -10.29 -11.52
C PHE A 215 5.78 -9.05 -12.38
N GLU A 216 4.70 -8.34 -12.70
CA GLU A 216 4.85 -7.06 -13.36
C GLU A 216 5.62 -6.12 -12.44
N GLY A 217 6.66 -5.50 -12.97
CA GLY A 217 7.50 -4.63 -12.17
C GLY A 217 8.81 -5.22 -11.72
N VAL A 218 9.15 -6.44 -12.17
CA VAL A 218 10.46 -6.99 -11.87
C VAL A 218 11.51 -6.22 -12.66
N THR A 219 12.73 -6.21 -12.13
CA THR A 219 13.82 -5.49 -12.78
C THR A 219 14.13 -6.08 -14.14
N ALA A 220 14.22 -7.40 -14.22
CA ALA A 220 14.55 -8.07 -15.47
C ALA A 220 14.04 -9.50 -15.42
N ILE A 221 13.96 -10.11 -16.60
CA ILE A 221 13.58 -11.49 -16.76
C ILE A 221 14.79 -12.26 -17.26
N ILE A 222 15.14 -13.34 -16.56
CA ILE A 222 16.26 -14.19 -16.97
C ILE A 222 15.67 -15.38 -17.70
N PHE A 223 16.01 -15.52 -18.97
CA PHE A 223 15.51 -16.59 -19.81
C PHE A 223 16.66 -17.52 -20.15
N CYS A 224 16.46 -18.81 -19.92
CA CYS A 224 17.50 -19.81 -20.14
C CYS A 224 17.10 -20.69 -21.32
N VAL A 225 17.99 -20.80 -22.30
CA VAL A 225 17.76 -21.60 -23.48
C VAL A 225 18.96 -22.52 -23.68
N ALA A 226 18.69 -23.80 -23.92
CA ALA A 226 19.74 -24.78 -24.17
C ALA A 226 20.06 -24.77 -25.66
N LEU A 227 21.30 -24.41 -26.00
CA LEU A 227 21.69 -24.43 -27.40
C LEU A 227 21.73 -25.84 -27.96
N SER A 228 22.08 -26.81 -27.11
CA SER A 228 22.20 -28.21 -27.52
C SER A 228 20.86 -28.83 -27.90
N ASP A 229 19.74 -28.20 -27.56
CA ASP A 229 18.43 -28.73 -27.89
C ASP A 229 17.91 -28.26 -29.25
N TYR A 230 18.79 -27.86 -30.15
CA TYR A 230 18.33 -27.41 -31.46
C TYR A 230 17.84 -28.57 -32.32
N ASP A 231 18.45 -29.75 -32.18
CA ASP A 231 18.06 -30.92 -32.95
C ASP A 231 17.18 -31.89 -32.17
N LEU A 232 17.11 -31.75 -30.86
CA LEU A 232 16.29 -32.65 -30.05
C LEU A 232 14.80 -32.36 -30.27
N VAL A 233 13.98 -33.36 -29.94
CA VAL A 233 12.53 -33.27 -30.11
C VAL A 233 11.90 -33.32 -28.74
N LEU A 234 10.86 -32.49 -28.54
CA LEU A 234 10.18 -32.44 -27.25
C LEU A 234 9.59 -33.79 -26.90
N ALA A 235 9.78 -34.21 -25.65
CA ALA A 235 9.35 -35.53 -25.23
C ALA A 235 7.84 -35.67 -25.26
N GLU A 236 7.11 -34.64 -24.82
CA GLU A 236 5.66 -34.74 -24.73
C GLU A 236 5.03 -34.84 -26.12
N ASP A 237 5.38 -33.93 -27.03
CA ASP A 237 4.78 -33.93 -28.35
C ASP A 237 5.36 -35.01 -29.25
N GLU A 238 6.64 -35.35 -29.08
CA GLU A 238 7.38 -36.32 -29.88
C GLU A 238 7.56 -35.89 -31.33
N GLU A 239 7.06 -34.71 -31.72
CA GLU A 239 7.24 -34.20 -33.07
C GLU A 239 7.58 -32.72 -33.12
N MET A 240 7.74 -32.07 -31.98
CA MET A 240 8.05 -30.65 -31.91
C MET A 240 9.49 -30.47 -31.45
N ASN A 241 10.25 -29.67 -32.18
CA ASN A 241 11.63 -29.41 -31.80
C ASN A 241 11.69 -28.59 -30.52
N ARG A 242 12.68 -28.90 -29.69
CA ARG A 242 12.80 -28.19 -28.41
C ARG A 242 13.13 -26.72 -28.63
N MET A 243 13.97 -26.41 -29.62
CA MET A 243 14.32 -25.02 -29.86
C MET A 243 13.11 -24.21 -30.27
N HIS A 244 12.21 -24.79 -31.08
CA HIS A 244 10.99 -24.10 -31.44
C HIS A 244 10.08 -23.94 -30.23
N ALA A 245 10.11 -24.90 -29.30
CA ALA A 245 9.32 -24.77 -28.08
C ALA A 245 9.82 -23.61 -27.25
N SER A 246 11.14 -23.43 -27.16
CA SER A 246 11.68 -22.29 -26.42
C SER A 246 11.35 -20.98 -27.11
N MET A 247 11.32 -20.96 -28.44
CA MET A 247 10.98 -19.75 -29.17
C MET A 247 9.54 -19.34 -28.88
N LYS A 248 8.63 -20.31 -28.84
CA LYS A 248 7.24 -20.00 -28.52
C LYS A 248 7.11 -19.48 -27.10
N LEU A 249 7.86 -20.07 -26.16
CA LEU A 249 7.85 -19.57 -24.79
C LEU A 249 8.47 -18.18 -24.71
N PHE A 250 9.56 -17.96 -25.44
CA PHE A 250 10.19 -16.64 -25.44
C PHE A 250 9.30 -15.60 -26.08
N ASP A 251 8.61 -15.94 -27.16
CA ASP A 251 7.76 -14.98 -27.85
C ASP A 251 6.60 -14.54 -26.96
N SER A 252 5.97 -15.48 -26.24
CA SER A 252 4.84 -15.12 -25.39
C SER A 252 5.27 -14.25 -24.22
N ILE A 253 6.40 -14.58 -23.58
CA ILE A 253 6.85 -13.80 -22.43
C ILE A 253 7.36 -12.43 -22.88
N CYS A 254 8.15 -12.38 -23.95
CA CYS A 254 8.72 -11.11 -24.39
C CYS A 254 7.64 -10.13 -24.82
N ASN A 255 6.61 -10.62 -25.50
CA ASN A 255 5.55 -9.79 -26.03
C ASN A 255 4.34 -9.73 -25.12
N ASN A 256 4.46 -10.24 -23.89
CA ASN A 256 3.36 -10.17 -22.93
C ASN A 256 3.06 -8.73 -22.55
N LYS A 257 1.77 -8.44 -22.34
CA LYS A 257 1.36 -7.08 -22.05
C LYS A 257 1.84 -6.58 -20.68
N TRP A 258 2.16 -7.51 -19.77
CA TRP A 258 2.63 -7.11 -18.45
C TRP A 258 4.13 -6.85 -18.41
N PHE A 259 4.85 -7.19 -19.47
CA PHE A 259 6.29 -7.01 -19.54
C PHE A 259 6.67 -6.17 -20.75
N THR A 260 5.89 -5.11 -21.00
CA THR A 260 6.17 -4.23 -22.13
C THR A 260 7.50 -3.50 -21.92
N ASP A 261 7.76 -3.03 -20.70
CA ASP A 261 8.95 -2.26 -20.39
C ASP A 261 9.98 -3.08 -19.63
N THR A 262 9.86 -4.40 -19.60
CA THR A 262 10.76 -5.25 -18.85
C THR A 262 11.82 -5.84 -19.78
N SER A 263 13.09 -5.57 -19.46
CA SER A 263 14.18 -6.12 -20.24
C SER A 263 14.33 -7.61 -19.97
N ILE A 264 14.91 -8.32 -20.93
CA ILE A 264 15.07 -9.76 -20.83
C ILE A 264 16.55 -10.09 -20.93
N ILE A 265 17.04 -10.86 -19.98
CA ILE A 265 18.40 -11.39 -20.01
C ILE A 265 18.32 -12.80 -20.55
N LEU A 266 18.95 -13.03 -21.71
CA LEU A 266 18.85 -14.31 -22.40
C LEU A 266 20.14 -15.09 -22.16
N PHE A 267 20.02 -16.29 -21.61
CA PHE A 267 21.15 -17.17 -21.38
C PHE A 267 21.06 -18.34 -22.34
N LEU A 268 22.10 -18.54 -23.14
CA LEU A 268 22.17 -19.64 -24.09
C LEU A 268 23.17 -20.66 -23.54
N ASN A 269 22.65 -21.64 -22.81
CA ASN A 269 23.47 -22.60 -22.09
C ASN A 269 23.94 -23.70 -23.03
N LYS A 270 24.76 -24.61 -22.48
CA LYS A 270 25.25 -25.79 -23.19
C LYS A 270 26.00 -25.41 -24.47
N LYS A 271 26.80 -24.34 -24.41
CA LYS A 271 27.52 -23.93 -25.60
C LYS A 271 28.61 -24.93 -25.98
N ASP A 272 29.22 -25.58 -24.99
CA ASP A 272 30.22 -26.60 -25.30
C ASP A 272 29.60 -27.83 -25.94
N LEU A 273 28.44 -28.25 -25.43
CA LEU A 273 27.74 -29.38 -26.05
C LEU A 273 27.16 -29.02 -27.40
N PHE A 274 26.74 -27.76 -27.57
CA PHE A 274 26.24 -27.32 -28.87
C PHE A 274 27.34 -27.37 -29.92
N GLU A 275 28.57 -27.03 -29.53
CA GLU A 275 29.68 -27.07 -30.48
C GLU A 275 29.93 -28.49 -30.97
N GLU A 276 29.83 -29.48 -30.07
CA GLU A 276 30.04 -30.87 -30.47
C GLU A 276 28.92 -31.36 -31.38
N LYS A 277 27.68 -31.01 -31.07
CA LYS A 277 26.56 -31.48 -31.87
C LYS A 277 26.56 -30.87 -33.27
N ILE A 278 27.13 -29.66 -33.41
CA ILE A 278 27.14 -28.99 -34.70
C ILE A 278 27.95 -29.77 -35.72
N LYS A 279 29.11 -30.29 -35.31
CA LYS A 279 29.95 -31.04 -36.23
C LYS A 279 29.23 -32.29 -36.73
N LYS A 280 28.59 -33.03 -35.82
CA LYS A 280 27.86 -34.23 -36.22
C LYS A 280 26.54 -33.90 -36.89
N SER A 281 25.80 -32.93 -36.35
CA SER A 281 24.48 -32.56 -36.84
C SER A 281 24.47 -31.11 -37.29
N PRO A 282 24.21 -30.83 -38.56
CA PRO A 282 24.18 -29.44 -39.02
C PRO A 282 22.97 -28.70 -38.46
N LEU A 283 23.09 -27.37 -38.44
CA LEU A 283 22.01 -26.52 -37.94
C LEU A 283 20.79 -26.50 -38.84
N THR A 284 20.90 -27.03 -40.06
CA THR A 284 19.76 -27.01 -40.98
C THR A 284 18.58 -27.82 -40.46
N ILE A 285 18.81 -28.74 -39.53
CA ILE A 285 17.70 -29.52 -38.97
C ILE A 285 16.75 -28.61 -38.22
N CYS A 286 17.29 -27.72 -37.38
CA CYS A 286 16.44 -26.80 -36.64
C CYS A 286 15.89 -25.72 -37.56
N TYR A 287 16.73 -25.15 -38.41
CA TYR A 287 16.34 -24.06 -39.30
C TYR A 287 16.49 -24.50 -40.75
N PRO A 288 15.39 -24.87 -41.41
CA PRO A 288 15.49 -25.21 -42.85
C PRO A 288 16.02 -24.07 -43.69
N GLU A 289 15.67 -22.83 -43.35
CA GLU A 289 16.12 -21.65 -44.09
C GLU A 289 17.39 -21.06 -43.47
N TYR A 290 18.41 -21.89 -43.32
CA TYR A 290 19.70 -21.46 -42.77
C TYR A 290 20.78 -21.65 -43.84
N ALA A 291 21.24 -20.53 -44.40
CA ALA A 291 22.25 -20.56 -45.44
C ALA A 291 23.67 -20.41 -44.89
N GLY A 292 23.84 -20.34 -43.58
CA GLY A 292 25.15 -20.17 -43.00
C GLY A 292 25.96 -21.45 -42.99
N SER A 293 27.21 -21.32 -42.58
CA SER A 293 28.14 -22.44 -42.54
C SER A 293 27.95 -23.22 -41.24
N ASN A 294 28.81 -24.21 -41.02
CA ASN A 294 28.75 -25.04 -39.82
C ASN A 294 29.78 -24.63 -38.78
N THR A 295 30.39 -23.46 -38.93
CA THR A 295 31.31 -22.98 -37.90
C THR A 295 30.54 -22.64 -36.64
N TYR A 296 31.21 -22.84 -35.49
CA TYR A 296 30.55 -22.59 -34.21
C TYR A 296 30.16 -21.13 -34.05
N GLU A 297 31.04 -20.21 -34.44
CA GLU A 297 30.74 -18.79 -34.28
C GLU A 297 29.54 -18.36 -35.11
N GLU A 298 29.46 -18.82 -36.36
CA GLU A 298 28.33 -18.46 -37.20
C GLU A 298 27.06 -19.15 -36.74
N ALA A 299 27.15 -20.42 -36.33
CA ALA A 299 25.98 -21.15 -35.88
C ALA A 299 25.40 -20.54 -34.60
N ALA A 300 26.26 -20.20 -33.64
CA ALA A 300 25.78 -19.61 -32.40
C ALA A 300 25.18 -18.23 -32.63
N ALA A 301 25.78 -17.43 -33.49
CA ALA A 301 25.27 -16.09 -33.73
C ALA A 301 23.91 -16.12 -34.42
N TYR A 302 23.67 -17.09 -35.29
CA TYR A 302 22.38 -17.19 -35.96
C TYR A 302 21.26 -17.48 -34.96
N ILE A 303 21.52 -18.37 -33.99
CA ILE A 303 20.51 -18.67 -32.98
C ILE A 303 20.22 -17.45 -32.13
N GLN A 304 21.27 -16.68 -31.79
CA GLN A 304 21.06 -15.48 -30.99
C GLN A 304 20.16 -14.48 -31.72
N CYS A 305 20.36 -14.31 -33.02
CA CYS A 305 19.53 -13.37 -33.77
C CYS A 305 18.09 -13.85 -33.88
N GLN A 306 17.87 -15.16 -33.93
CA GLN A 306 16.50 -15.66 -34.05
C GLN A 306 15.67 -15.30 -32.83
N PHE A 307 16.24 -15.43 -31.63
CA PHE A 307 15.52 -15.05 -30.42
C PHE A 307 15.28 -13.54 -30.36
N GLU A 308 16.27 -12.75 -30.73
CA GLU A 308 16.11 -11.30 -30.68
C GLU A 308 15.12 -10.80 -31.74
N ASP A 309 14.91 -11.55 -32.81
CA ASP A 309 13.92 -11.16 -33.80
C ASP A 309 12.49 -11.41 -33.30
N LEU A 310 12.31 -12.24 -32.28
CA LEU A 310 11.00 -12.46 -31.71
C LEU A 310 10.52 -11.28 -30.89
N ASN A 311 11.39 -10.31 -30.61
CA ASN A 311 11.02 -9.16 -29.81
C ASN A 311 10.31 -8.14 -30.68
N LYS A 312 9.11 -7.74 -30.26
CA LYS A 312 8.36 -6.71 -30.97
C LYS A 312 8.45 -5.35 -30.29
N ARG A 313 8.80 -5.32 -29.02
CA ARG A 313 8.98 -4.05 -28.29
C ARG A 313 10.45 -3.65 -28.24
N LYS A 314 11.00 -3.40 -29.43
CA LYS A 314 12.42 -3.09 -29.51
C LYS A 314 12.75 -1.74 -28.90
N ASP A 315 11.81 -0.78 -29.00
CA ASP A 315 12.07 0.55 -28.47
C ASP A 315 11.95 0.60 -26.95
N THR A 316 10.98 -0.12 -26.39
CA THR A 316 10.70 -0.01 -24.96
C THR A 316 11.54 -0.96 -24.11
N LYS A 317 12.01 -2.07 -24.67
CA LYS A 317 12.78 -3.04 -23.91
C LYS A 317 14.01 -3.46 -24.71
N GLU A 318 15.02 -3.95 -23.99
CA GLU A 318 16.24 -4.45 -24.60
C GLU A 318 16.51 -5.86 -24.11
N ILE A 319 17.11 -6.66 -24.99
CA ILE A 319 17.43 -8.06 -24.71
C ILE A 319 18.94 -8.20 -24.58
N TYR A 320 19.38 -8.77 -23.47
CA TYR A 320 20.79 -9.03 -23.22
C TYR A 320 21.05 -10.52 -23.39
N THR A 321 21.94 -10.87 -24.30
CA THR A 321 22.20 -12.27 -24.62
C THR A 321 23.62 -12.63 -24.19
N HIS A 322 23.75 -13.78 -23.54
CA HIS A 322 25.03 -14.26 -23.06
C HIS A 322 25.13 -15.75 -23.35
N PHE A 323 26.34 -16.21 -23.63
CA PHE A 323 26.62 -17.63 -23.86
C PHE A 323 27.27 -18.20 -22.61
N THR A 324 26.60 -19.17 -22.00
CA THR A 324 27.03 -19.73 -20.73
C THR A 324 27.41 -21.20 -20.89
N CYS A 325 28.26 -21.67 -19.97
CA CYS A 325 28.64 -23.06 -19.90
C CYS A 325 28.61 -23.50 -18.44
N SER A 326 28.85 -24.78 -18.20
CA SER A 326 28.88 -25.29 -16.83
C SER A 326 30.07 -24.74 -16.06
N THR A 327 31.19 -24.51 -16.72
CA THR A 327 32.40 -24.03 -16.09
C THR A 327 32.50 -22.51 -16.08
N ASP A 328 31.53 -21.81 -16.67
CA ASP A 328 31.58 -20.35 -16.71
C ASP A 328 31.37 -19.76 -15.32
N THR A 329 32.12 -18.70 -15.04
CA THR A 329 32.04 -17.98 -13.77
C THR A 329 31.67 -16.52 -13.94
N LYS A 330 31.52 -16.03 -15.18
CA LYS A 330 31.19 -14.65 -15.45
C LYS A 330 29.70 -14.41 -15.59
N ASN A 331 28.87 -15.43 -15.34
CA ASN A 331 27.43 -15.26 -15.50
C ASN A 331 26.87 -14.26 -14.50
N VAL A 332 27.38 -14.27 -13.27
CA VAL A 332 26.92 -13.30 -12.28
C VAL A 332 27.33 -11.90 -12.68
N GLN A 333 28.53 -11.75 -13.26
CA GLN A 333 28.96 -10.44 -13.73
C GLN A 333 28.08 -9.93 -14.87
N PHE A 334 27.68 -10.82 -15.78
CA PHE A 334 26.81 -10.40 -16.88
C PHE A 334 25.45 -9.93 -16.38
N VAL A 335 24.88 -10.64 -15.40
CA VAL A 335 23.60 -10.22 -14.84
C VAL A 335 23.74 -8.88 -14.14
N PHE A 336 24.82 -8.69 -13.39
CA PHE A 336 25.02 -7.43 -12.70
C PHE A 336 25.16 -6.27 -13.68
N ASP A 337 25.91 -6.47 -14.75
CA ASP A 337 26.04 -5.43 -15.77
C ASP A 337 24.72 -5.18 -16.47
N ALA A 338 23.97 -6.23 -16.79
CA ALA A 338 22.70 -6.04 -17.47
C ALA A 338 21.69 -5.37 -16.56
N VAL A 339 21.69 -5.74 -15.27
CA VAL A 339 20.77 -5.14 -14.32
C VAL A 339 21.11 -3.68 -14.09
N THR A 340 22.41 -3.37 -13.96
CA THR A 340 22.81 -1.99 -13.73
C THR A 340 22.39 -1.10 -14.90
N ASP A 341 22.51 -1.61 -16.13
CA ASP A 341 22.07 -0.86 -17.29
C ASP A 341 20.56 -0.64 -17.24
N VAL A 342 19.81 -1.65 -16.83
CA VAL A 342 18.36 -1.54 -16.74
C VAL A 342 17.96 -0.54 -15.66
N ILE A 343 18.63 -0.57 -14.52
CA ILE A 343 18.30 0.34 -13.42
C ILE A 343 18.55 1.79 -13.81
N ILE A 344 19.68 2.05 -14.47
CA ILE A 344 20.01 3.42 -14.89
C ILE A 344 18.99 3.94 -15.89
N LYS A 345 18.59 3.11 -16.85
CA LYS A 345 17.58 3.53 -17.82
C LYS A 345 16.27 3.85 -17.14
N ASN A 346 15.87 3.07 -16.13
CA ASN A 346 14.66 3.38 -15.40
C ASN A 346 14.81 4.68 -14.61
N ASN A 347 15.99 4.90 -14.02
CA ASN A 347 16.22 6.14 -13.28
C ASN A 347 16.16 7.35 -14.21
N LEU A 348 16.73 7.24 -15.41
CA LEU A 348 16.67 8.33 -16.37
C LEU A 348 15.24 8.60 -16.82
N LYS A 349 14.43 7.53 -16.95
CA LYS A 349 13.02 7.73 -17.26
C LYS A 349 12.30 8.42 -16.11
N ASP A 350 12.68 8.10 -14.87
CA ASP A 350 12.03 8.71 -13.72
C ASP A 350 12.47 10.16 -13.54
N CYS A 351 13.69 10.50 -13.95
CA CYS A 351 14.21 11.85 -13.79
C CYS A 351 13.89 12.74 -14.99
N GLY A 352 13.20 12.21 -16.00
CA GLY A 352 12.76 13.01 -17.13
C GLY A 352 13.70 13.05 -18.32
N LEU A 353 14.92 12.52 -18.20
CA LEU A 353 15.84 12.53 -19.33
C LEU A 353 15.38 11.58 -20.44
N PHE A 354 14.91 10.39 -20.08
CA PHE A 354 14.40 9.46 -21.09
C PHE A 354 12.89 9.59 -21.22
N SER B 12 -15.36 -48.63 -26.84
CA SER B 12 -16.71 -49.14 -26.75
C SER B 12 -17.41 -48.63 -25.49
N GLU B 13 -16.94 -49.10 -24.33
CA GLU B 13 -17.53 -48.65 -23.07
C GLU B 13 -17.30 -47.16 -22.84
N LEU B 14 -16.09 -46.67 -23.15
CA LEU B 14 -15.81 -45.26 -22.97
C LEU B 14 -16.67 -44.40 -23.90
N ASP B 15 -16.80 -44.82 -25.16
CA ASP B 15 -17.62 -44.09 -26.11
C ASP B 15 -19.08 -44.07 -25.69
N GLN B 16 -19.58 -45.20 -25.21
CA GLN B 16 -20.97 -45.26 -24.76
C GLN B 16 -21.22 -44.37 -23.56
N LEU B 17 -20.29 -44.34 -22.60
CA LEU B 17 -20.48 -43.54 -21.39
C LEU B 17 -20.49 -42.05 -21.70
N ARG B 18 -19.58 -41.58 -22.55
CA ARG B 18 -19.55 -40.15 -22.86
C ARG B 18 -20.76 -39.71 -23.66
N GLN B 19 -21.43 -40.65 -24.34
CA GLN B 19 -22.70 -40.30 -24.98
C GLN B 19 -23.81 -40.13 -23.95
N GLU B 20 -23.77 -40.92 -22.87
CA GLU B 20 -24.77 -40.78 -21.82
C GLU B 20 -24.63 -39.46 -21.09
N ALA B 21 -23.39 -38.95 -20.96
CA ALA B 21 -23.19 -37.64 -20.33
C ALA B 21 -23.85 -36.55 -21.15
N GLU B 22 -23.75 -36.62 -22.48
CA GLU B 22 -24.41 -35.64 -23.34
C GLU B 22 -25.92 -35.71 -23.19
N GLN B 23 -26.47 -36.93 -23.08
CA GLN B 23 -27.90 -37.06 -22.85
C GLN B 23 -28.32 -36.46 -21.51
N LEU B 24 -27.50 -36.67 -20.48
CA LEU B 24 -27.81 -36.10 -19.18
C LEU B 24 -27.72 -34.57 -19.20
N LYS B 25 -26.72 -34.03 -19.93
CA LYS B 25 -26.61 -32.58 -20.03
C LYS B 25 -27.83 -32.00 -20.73
N ASN B 26 -28.31 -32.65 -21.79
CA ASN B 26 -29.52 -32.19 -22.44
C ASN B 26 -30.73 -32.30 -21.51
N GLN B 27 -30.74 -33.35 -20.68
CA GLN B 27 -31.84 -33.52 -19.73
C GLN B 27 -31.86 -32.38 -18.71
N ILE B 28 -30.69 -31.98 -18.21
CA ILE B 28 -30.63 -30.87 -17.27
C ILE B 28 -31.01 -29.56 -17.96
N ARG B 29 -30.51 -29.35 -19.18
CA ARG B 29 -30.82 -28.11 -19.89
C ARG B 29 -32.31 -28.01 -20.18
N ASP B 30 -32.95 -29.13 -20.54
CA ASP B 30 -34.39 -29.13 -20.75
C ASP B 30 -35.13 -28.88 -19.43
N ALA B 31 -34.62 -29.43 -18.32
CA ALA B 31 -35.27 -29.24 -17.04
C ALA B 31 -35.23 -27.77 -16.62
N ARG B 32 -34.10 -27.09 -16.82
CA ARG B 32 -34.02 -25.68 -16.50
C ARG B 32 -34.92 -24.85 -17.40
N LYS B 33 -35.00 -25.20 -18.69
CA LYS B 33 -35.87 -24.47 -19.61
C LYS B 33 -37.34 -24.65 -19.26
N ALA B 34 -37.70 -25.81 -18.68
CA ALA B 34 -39.09 -26.05 -18.32
C ALA B 34 -39.58 -25.07 -17.25
N CYS B 35 -38.72 -24.78 -16.26
CA CYS B 35 -39.09 -23.88 -15.18
C CYS B 35 -38.77 -22.42 -15.48
N ALA B 36 -38.28 -22.12 -16.69
CA ALA B 36 -38.01 -20.75 -17.09
C ALA B 36 -39.26 -20.10 -17.70
N ASP B 37 -40.32 -20.09 -16.90
CA ASP B 37 -41.60 -19.56 -17.37
C ASP B 37 -41.49 -18.06 -17.64
N ALA B 38 -40.82 -17.32 -16.77
CA ALA B 38 -40.71 -15.87 -16.88
C ALA B 38 -39.24 -15.47 -16.72
N THR B 39 -38.98 -14.18 -16.85
CA THR B 39 -37.66 -13.59 -16.66
C THR B 39 -37.68 -12.65 -15.48
N LEU B 40 -36.57 -12.60 -14.75
CA LEU B 40 -36.45 -11.64 -13.65
C LEU B 40 -36.66 -10.21 -14.16
N SER B 41 -36.21 -9.91 -15.38
CA SER B 41 -36.43 -8.59 -15.94
C SER B 41 -37.91 -8.27 -16.08
N GLN B 42 -38.70 -9.25 -16.55
CA GLN B 42 -40.15 -9.03 -16.65
C GLN B 42 -40.79 -8.87 -15.28
N ILE B 43 -40.33 -9.63 -14.29
CA ILE B 43 -40.95 -9.57 -12.97
C ILE B 43 -40.73 -8.21 -12.32
N THR B 44 -39.52 -7.67 -12.44
CA THR B 44 -39.15 -6.43 -11.76
C THR B 44 -39.26 -5.21 -12.66
N ASN B 45 -40.00 -5.31 -13.76
CA ASN B 45 -40.15 -4.16 -14.65
C ASN B 45 -40.98 -3.07 -13.99
N ASN B 46 -42.00 -3.46 -13.23
CA ASN B 46 -42.93 -2.49 -12.65
C ASN B 46 -42.30 -1.66 -11.53
N ILE B 47 -41.39 -2.24 -10.76
CA ILE B 47 -40.85 -1.53 -9.61
C ILE B 47 -40.01 -0.34 -10.06
N ASP B 48 -40.00 0.70 -9.23
CA ASP B 48 -39.27 1.91 -9.56
C ASP B 48 -37.76 1.71 -9.44
N PRO B 49 -36.97 2.43 -10.23
CA PRO B 49 -35.53 2.32 -10.14
C PRO B 49 -34.98 2.92 -8.86
N VAL B 50 -33.75 2.52 -8.52
CA VAL B 50 -33.08 3.04 -7.34
C VAL B 50 -32.60 4.47 -7.53
N GLY B 51 -32.72 5.02 -8.73
CA GLY B 51 -32.21 6.34 -9.00
C GLY B 51 -30.71 6.34 -9.21
N ARG B 52 -30.12 7.52 -9.05
CA ARG B 52 -28.68 7.66 -9.15
C ARG B 52 -28.06 7.48 -7.78
N ILE B 53 -27.09 6.59 -7.70
CA ILE B 53 -26.36 6.31 -6.46
C ILE B 53 -25.07 7.10 -6.49
N GLN B 54 -24.95 8.08 -5.61
CA GLN B 54 -23.77 8.92 -5.51
C GLN B 54 -23.05 8.57 -4.22
N MET B 55 -21.81 8.12 -4.33
CA MET B 55 -20.98 7.79 -3.17
C MET B 55 -19.70 8.59 -3.23
N ARG B 56 -19.28 9.11 -2.09
CA ARG B 56 -18.05 9.87 -1.97
C ARG B 56 -17.00 9.06 -1.22
N THR B 57 -15.74 9.36 -1.49
CA THR B 57 -14.62 8.73 -0.79
C THR B 57 -14.52 9.36 0.59
N ARG B 58 -14.98 8.65 1.61
CA ARG B 58 -14.86 9.14 2.98
C ARG B 58 -13.44 8.96 3.52
N ARG B 59 -12.80 7.84 3.20
CA ARG B 59 -11.47 7.55 3.71
C ARG B 59 -10.60 7.05 2.57
N THR B 60 -9.31 7.37 2.65
CA THR B 60 -8.30 6.77 1.80
C THR B 60 -7.27 6.15 2.72
N LEU B 61 -7.06 4.85 2.59
CA LEU B 61 -6.13 4.11 3.41
C LEU B 61 -4.80 4.01 2.67
N ARG B 62 -3.79 4.70 3.17
CA ARG B 62 -2.47 4.77 2.56
C ARG B 62 -1.45 4.05 3.43
N GLY B 63 -0.45 3.46 2.79
CA GLY B 63 0.57 2.74 3.51
C GLY B 63 1.06 1.49 2.82
N HIS B 64 0.19 0.84 2.04
CA HIS B 64 0.66 -0.21 1.15
C HIS B 64 1.55 0.38 0.07
N LEU B 65 2.67 -0.30 -0.21
CA LEU B 65 3.66 0.19 -1.17
C LEU B 65 3.70 -0.65 -2.43
N ALA B 66 2.69 -1.48 -2.66
CA ALA B 66 2.62 -2.32 -3.85
C ALA B 66 1.16 -2.55 -4.19
N LYS B 67 0.94 -3.37 -5.22
CA LYS B 67 -0.42 -3.71 -5.63
C LYS B 67 -1.18 -4.35 -4.48
N ILE B 68 -2.36 -3.82 -4.19
CA ILE B 68 -3.28 -4.46 -3.27
C ILE B 68 -4.05 -5.55 -4.02
N TYR B 69 -4.05 -6.75 -3.46
CA TYR B 69 -4.68 -7.89 -4.11
C TYR B 69 -5.95 -8.35 -3.44
N ALA B 70 -6.14 -8.05 -2.16
CA ALA B 70 -7.32 -8.53 -1.44
C ALA B 70 -7.61 -7.63 -0.26
N MET B 71 -8.88 -7.61 0.13
CA MET B 71 -9.31 -6.95 1.35
C MET B 71 -10.48 -7.74 1.91
N HIS B 72 -10.68 -7.65 3.22
CA HIS B 72 -11.85 -8.27 3.83
C HIS B 72 -12.25 -7.50 5.08
N TRP B 73 -13.53 -7.14 5.14
CA TRP B 73 -14.07 -6.50 6.33
C TRP B 73 -14.16 -7.48 7.48
N GLY B 74 -13.92 -6.99 8.69
CA GLY B 74 -14.34 -7.74 9.86
C GLY B 74 -15.83 -7.61 10.08
N THR B 75 -16.36 -8.49 10.93
CA THR B 75 -17.80 -8.54 11.11
C THR B 75 -18.33 -7.36 11.92
N ASP B 76 -17.45 -6.61 12.60
CA ASP B 76 -17.86 -5.43 13.33
C ASP B 76 -18.04 -4.22 12.44
N SER B 77 -17.81 -4.35 11.13
CA SER B 77 -17.98 -3.28 10.15
C SER B 77 -17.06 -2.10 10.39
N ARG B 78 -16.02 -2.28 11.19
CA ARG B 78 -15.07 -1.22 11.46
C ARG B 78 -13.64 -1.59 11.11
N LEU B 79 -13.23 -2.82 11.40
CA LEU B 79 -11.89 -3.28 11.08
C LEU B 79 -11.88 -4.00 9.74
N LEU B 80 -10.81 -3.82 8.98
CA LEU B 80 -10.62 -4.54 7.74
C LEU B 80 -9.16 -4.91 7.60
N VAL B 81 -8.90 -5.98 6.85
CA VAL B 81 -7.56 -6.46 6.57
C VAL B 81 -7.36 -6.36 5.07
N SER B 82 -6.20 -5.86 4.68
CA SER B 82 -5.85 -5.76 3.26
C SER B 82 -4.51 -6.43 3.04
N ALA B 83 -4.35 -7.02 1.86
CA ALA B 83 -3.12 -7.69 1.49
C ALA B 83 -2.50 -7.03 0.28
N SER B 84 -1.20 -6.83 0.34
CA SER B 84 -0.43 -6.26 -0.75
C SER B 84 0.78 -7.13 -1.00
N GLN B 85 1.35 -7.03 -2.19
CA GLN B 85 2.53 -7.79 -2.55
C GLN B 85 3.82 -7.08 -2.17
N ASP B 86 3.76 -6.15 -1.23
CA ASP B 86 4.94 -5.74 -0.48
C ASP B 86 5.22 -6.66 0.69
N GLY B 87 4.52 -7.78 0.77
CA GLY B 87 4.68 -8.72 1.86
C GLY B 87 4.10 -8.26 3.18
N LYS B 88 3.06 -7.44 3.14
CA LYS B 88 2.49 -6.86 4.34
C LYS B 88 0.99 -7.11 4.37
N LEU B 89 0.52 -7.70 5.46
CA LEU B 89 -0.89 -7.73 5.80
C LEU B 89 -1.13 -6.57 6.78
N ILE B 90 -2.06 -5.68 6.45
CA ILE B 90 -2.37 -4.53 7.30
C ILE B 90 -3.83 -4.62 7.73
N ILE B 91 -4.06 -4.40 9.01
CA ILE B 91 -5.41 -4.28 9.57
C ILE B 91 -5.68 -2.81 9.89
N TRP B 92 -6.75 -2.29 9.31
CA TRP B 92 -7.07 -0.87 9.38
C TRP B 92 -8.27 -0.64 10.28
N ASP B 93 -8.23 0.45 11.05
CA ASP B 93 -9.41 1.01 11.70
C ASP B 93 -10.02 1.98 10.71
N SER B 94 -11.11 1.57 10.05
CA SER B 94 -11.62 2.37 8.95
C SER B 94 -12.22 3.69 9.44
N TYR B 95 -12.70 3.75 10.68
CA TYR B 95 -13.28 4.99 11.19
C TYR B 95 -12.23 6.07 11.34
N THR B 96 -11.03 5.71 11.79
CA THR B 96 -9.98 6.68 12.08
C THR B 96 -8.83 6.62 11.08
N THR B 97 -8.83 5.65 10.17
CA THR B 97 -7.72 5.31 9.28
C THR B 97 -6.47 4.88 10.03
N ASN B 98 -6.58 4.60 11.33
CA ASN B 98 -5.45 4.08 12.09
C ASN B 98 -5.11 2.67 11.63
N LYS B 99 -3.82 2.38 11.60
CA LYS B 99 -3.34 1.02 11.36
C LYS B 99 -3.30 0.26 12.68
N VAL B 100 -4.09 -0.81 12.78
CA VAL B 100 -4.12 -1.58 14.02
C VAL B 100 -2.96 -2.56 14.06
N HIS B 101 -2.68 -3.22 12.94
CA HIS B 101 -1.58 -4.18 12.84
C HIS B 101 -0.95 -4.06 11.47
N ALA B 102 0.31 -4.50 11.38
CA ALA B 102 1.00 -4.68 10.11
C ALA B 102 1.73 -6.01 10.19
N ILE B 103 1.25 -7.01 9.46
CA ILE B 103 1.74 -8.37 9.55
C ILE B 103 2.71 -8.61 8.39
N PRO B 104 4.00 -8.81 8.66
CA PRO B 104 4.93 -9.14 7.57
C PRO B 104 4.76 -10.59 7.12
N LEU B 105 4.58 -10.77 5.82
CA LEU B 105 4.35 -12.08 5.24
C LEU B 105 5.67 -12.75 4.89
N ARG B 106 5.76 -14.06 5.17
CA ARG B 106 6.94 -14.82 4.79
C ARG B 106 7.11 -14.90 3.28
N SER B 107 6.01 -15.06 2.55
CA SER B 107 6.00 -15.03 1.09
C SER B 107 5.21 -13.80 0.65
N SER B 108 5.83 -12.97 -0.18
CA SER B 108 5.22 -11.71 -0.57
C SER B 108 4.20 -11.86 -1.69
N TRP B 109 4.08 -13.04 -2.29
CA TRP B 109 3.23 -13.22 -3.46
C TRP B 109 1.80 -13.57 -3.06
N VAL B 110 1.23 -12.76 -2.18
CA VAL B 110 -0.09 -13.03 -1.62
C VAL B 110 -1.17 -12.68 -2.63
N MET B 111 -2.21 -13.50 -2.70
CA MET B 111 -3.32 -13.28 -3.62
C MET B 111 -4.66 -13.14 -2.93
N THR B 112 -4.79 -13.59 -1.68
CA THR B 112 -6.05 -13.56 -0.96
C THR B 112 -5.78 -13.28 0.51
N CYS B 113 -6.80 -12.76 1.19
CA CYS B 113 -6.76 -12.59 2.64
C CYS B 113 -8.17 -12.71 3.17
N ALA B 114 -8.27 -13.20 4.41
CA ALA B 114 -9.57 -13.36 5.06
C ALA B 114 -9.50 -12.94 6.51
N TYR B 115 -10.58 -12.32 6.98
CA TYR B 115 -10.78 -11.93 8.36
C TYR B 115 -11.75 -12.91 9.00
N ALA B 116 -11.35 -13.52 10.11
CA ALA B 116 -12.24 -14.46 10.79
C ALA B 116 -13.47 -13.74 11.32
N PRO B 117 -14.64 -14.38 11.28
CA PRO B 117 -15.84 -13.72 11.83
C PRO B 117 -15.73 -13.40 13.31
N SER B 118 -14.93 -14.16 14.06
CA SER B 118 -14.69 -13.84 15.46
C SER B 118 -13.78 -12.64 15.63
N GLY B 119 -12.96 -12.33 14.64
CA GLY B 119 -12.02 -11.23 14.74
C GLY B 119 -10.69 -11.61 15.36
N ASN B 120 -10.50 -12.87 15.72
CA ASN B 120 -9.28 -13.33 16.38
C ASN B 120 -8.21 -13.78 15.40
N TYR B 121 -8.56 -14.02 14.14
CA TYR B 121 -7.62 -14.57 13.18
C TYR B 121 -7.77 -13.89 11.84
N VAL B 122 -6.67 -13.84 11.10
CA VAL B 122 -6.69 -13.49 9.69
C VAL B 122 -5.89 -14.54 8.96
N ALA B 123 -6.19 -14.71 7.67
CA ALA B 123 -5.57 -15.72 6.85
C ALA B 123 -5.13 -15.10 5.53
N CYS B 124 -4.09 -15.66 4.94
CA CYS B 124 -3.63 -15.18 3.64
C CYS B 124 -2.80 -16.28 3.00
N GLY B 125 -2.57 -16.11 1.70
CA GLY B 125 -1.75 -17.04 0.95
C GLY B 125 -1.78 -16.73 -0.54
N GLY B 126 -0.73 -17.12 -1.25
CA GLY B 126 -0.63 -16.85 -2.65
C GLY B 126 0.09 -17.91 -3.46
N LEU B 127 1.07 -17.48 -4.23
CA LEU B 127 1.87 -18.38 -5.05
C LEU B 127 2.71 -19.36 -4.24
N ASP B 128 2.78 -19.22 -2.93
CA ASP B 128 3.50 -20.17 -2.10
C ASP B 128 2.70 -21.43 -1.80
N ASN B 129 1.45 -21.51 -2.26
CA ASN B 129 0.59 -22.69 -2.11
C ASN B 129 0.25 -22.99 -0.66
N ILE B 130 0.32 -21.98 0.20
CA ILE B 130 0.13 -22.16 1.64
C ILE B 130 -0.93 -21.16 2.08
N CYS B 131 -1.83 -21.61 2.95
CA CYS B 131 -2.76 -20.72 3.65
C CYS B 131 -2.27 -20.54 5.08
N SER B 132 -1.82 -19.33 5.40
CA SER B 132 -1.26 -19.04 6.71
C SER B 132 -2.33 -18.41 7.59
N ILE B 133 -2.48 -18.92 8.81
CA ILE B 133 -3.43 -18.40 9.79
C ILE B 133 -2.66 -17.57 10.80
N TYR B 134 -3.14 -16.36 11.07
CA TYR B 134 -2.47 -15.46 11.98
C TYR B 134 -3.36 -15.19 13.19
N ASN B 135 -2.78 -15.33 14.38
CA ASN B 135 -3.49 -15.08 15.62
C ASN B 135 -3.31 -13.61 15.97
N LEU B 136 -4.42 -12.89 16.07
CA LEU B 136 -4.41 -11.47 16.37
C LEU B 136 -4.47 -11.17 17.86
N LYS B 137 -4.89 -12.13 18.67
CA LYS B 137 -5.07 -11.94 20.10
C LYS B 137 -4.12 -12.88 20.82
N THR B 138 -2.89 -12.41 21.05
CA THR B 138 -1.89 -13.16 21.78
C THR B 138 -1.48 -12.37 23.02
N ARG B 139 -1.09 -13.09 24.07
CA ARG B 139 -0.59 -12.42 25.27
C ARG B 139 0.72 -11.68 25.02
N GLU B 140 1.43 -12.00 23.95
CA GLU B 140 2.70 -11.35 23.66
C GLU B 140 2.53 -10.00 22.98
N GLY B 141 1.33 -9.68 22.51
CA GLY B 141 1.08 -8.38 21.93
C GLY B 141 1.44 -8.24 20.47
N ASN B 142 1.85 -9.33 19.81
CA ASN B 142 2.19 -9.29 18.40
C ASN B 142 1.41 -10.37 17.68
N VAL B 143 1.26 -10.21 16.38
CA VAL B 143 0.63 -11.20 15.54
C VAL B 143 1.66 -12.28 15.18
N ARG B 144 1.30 -13.54 15.39
CA ARG B 144 2.15 -14.66 15.08
C ARG B 144 1.42 -15.64 14.18
N VAL B 145 2.17 -16.38 13.39
CA VAL B 145 1.61 -17.49 12.62
C VAL B 145 1.19 -18.59 13.58
N SER B 146 -0.08 -19.00 13.49
CA SER B 146 -0.57 -20.11 14.29
C SER B 146 -0.62 -21.41 13.51
N ARG B 147 -0.85 -21.34 12.21
CA ARG B 147 -0.92 -22.52 11.36
C ARG B 147 -0.52 -22.15 9.94
N GLU B 148 0.15 -23.07 9.26
CA GLU B 148 0.40 -22.97 7.83
C GLU B 148 -0.23 -24.20 7.18
N LEU B 149 -1.28 -23.98 6.41
CA LEU B 149 -2.05 -25.08 5.83
C LEU B 149 -1.44 -25.45 4.47
N ALA B 150 -0.71 -26.55 4.45
CA ALA B 150 -0.09 -27.06 3.24
C ALA B 150 -0.90 -28.24 2.71
N GLY B 151 -0.84 -28.45 1.40
CA GLY B 151 -1.62 -29.51 0.79
C GLY B 151 -2.13 -29.18 -0.61
N HIS B 152 -2.33 -27.90 -0.89
CA HIS B 152 -2.65 -27.49 -2.25
C HIS B 152 -1.40 -27.57 -3.12
N THR B 153 -1.57 -28.01 -4.36
CA THR B 153 -0.48 -28.08 -5.31
C THR B 153 -0.51 -26.92 -6.31
N GLY B 154 -1.34 -25.92 -6.07
CA GLY B 154 -1.36 -24.72 -6.87
C GLY B 154 -1.49 -23.50 -5.97
N TYR B 155 -1.48 -22.33 -6.59
CA TYR B 155 -1.55 -21.09 -5.82
C TYR B 155 -2.90 -21.00 -5.11
N LEU B 156 -2.89 -20.32 -3.96
CA LEU B 156 -4.11 -20.09 -3.20
C LEU B 156 -4.82 -18.86 -3.75
N SER B 157 -6.04 -19.04 -4.23
CA SER B 157 -6.77 -17.95 -4.85
C SER B 157 -7.78 -17.28 -3.93
N CYS B 158 -8.39 -18.03 -3.02
CA CYS B 158 -9.35 -17.45 -2.10
C CYS B 158 -9.41 -18.30 -0.85
N CYS B 159 -9.81 -17.68 0.25
CA CYS B 159 -9.95 -18.38 1.52
C CYS B 159 -11.04 -17.68 2.33
N ARG B 160 -11.82 -18.46 3.07
CA ARG B 160 -12.88 -17.90 3.91
C ARG B 160 -13.04 -18.74 5.16
N PHE B 161 -13.04 -18.08 6.32
CA PHE B 161 -13.30 -18.76 7.58
C PHE B 161 -14.77 -19.14 7.71
N LEU B 162 -15.02 -20.35 8.21
CA LEU B 162 -16.35 -20.70 8.70
C LEU B 162 -16.48 -20.36 10.18
N ASP B 163 -15.43 -20.61 10.95
CA ASP B 163 -15.32 -20.25 12.35
C ASP B 163 -13.83 -20.19 12.67
N ASP B 164 -13.50 -20.15 13.95
CA ASP B 164 -12.10 -20.06 14.33
C ASP B 164 -11.32 -21.33 14.02
N ASN B 165 -12.00 -22.44 13.77
CA ASN B 165 -11.34 -23.71 13.55
C ASN B 165 -11.46 -24.24 12.13
N GLN B 166 -12.36 -23.71 11.33
CA GLN B 166 -12.57 -24.18 9.97
C GLN B 166 -12.38 -23.05 8.98
N ILE B 167 -11.75 -23.36 7.84
CA ILE B 167 -11.56 -22.42 6.76
C ILE B 167 -11.66 -23.18 5.45
N VAL B 168 -12.23 -22.54 4.43
CA VAL B 168 -12.32 -23.11 3.09
C VAL B 168 -11.35 -22.36 2.19
N THR B 169 -10.56 -23.10 1.42
CA THR B 169 -9.61 -22.52 0.49
C THR B 169 -9.89 -23.03 -0.91
N SER B 170 -9.76 -22.15 -1.89
CA SER B 170 -9.77 -22.51 -3.30
C SER B 170 -8.37 -22.30 -3.85
N SER B 171 -7.96 -23.18 -4.75
CA SER B 171 -6.60 -23.17 -5.25
C SER B 171 -6.58 -23.18 -6.77
N GLY B 172 -5.40 -22.91 -7.31
CA GLY B 172 -5.15 -23.04 -8.73
C GLY B 172 -4.92 -24.44 -9.21
N ASP B 173 -4.93 -25.43 -8.31
CA ASP B 173 -4.88 -26.83 -8.69
C ASP B 173 -6.26 -27.42 -8.97
N THR B 174 -7.24 -26.56 -9.24
CA THR B 174 -8.60 -26.90 -9.66
C THR B 174 -9.47 -27.46 -8.54
N THR B 175 -9.01 -27.41 -7.29
CA THR B 175 -9.75 -27.98 -6.17
C THR B 175 -9.94 -26.95 -5.07
N CYS B 176 -11.03 -27.11 -4.32
CA CYS B 176 -11.22 -26.41 -3.07
C CYS B 176 -11.08 -27.40 -1.93
N ALA B 177 -10.69 -26.91 -0.75
CA ALA B 177 -10.49 -27.77 0.40
C ALA B 177 -11.11 -27.15 1.63
N LEU B 178 -11.63 -28.01 2.50
CA LEU B 178 -12.05 -27.61 3.84
C LEU B 178 -11.01 -28.10 4.84
N TRP B 179 -10.54 -27.19 5.69
CA TRP B 179 -9.43 -27.45 6.58
C TRP B 179 -9.89 -27.44 8.03
N ASP B 180 -9.30 -28.32 8.83
CA ASP B 180 -9.36 -28.23 10.29
C ASP B 180 -8.10 -27.51 10.74
N ILE B 181 -8.26 -26.28 11.22
CA ILE B 181 -7.11 -25.44 11.50
C ILE B 181 -6.30 -26.01 12.66
N GLU B 182 -6.97 -26.57 13.67
CA GLU B 182 -6.26 -27.07 14.84
C GLU B 182 -5.35 -28.23 14.49
N THR B 183 -5.80 -29.15 13.65
CA THR B 183 -4.97 -30.28 13.24
C THR B 183 -4.14 -30.00 12.01
N GLY B 184 -4.42 -28.93 11.27
CA GLY B 184 -3.65 -28.58 10.11
C GLY B 184 -3.89 -29.46 8.89
N GLN B 185 -4.93 -30.28 8.93
CA GLN B 185 -5.24 -31.22 7.85
C GLN B 185 -6.53 -30.80 7.16
N GLN B 186 -6.60 -31.06 5.87
CA GLN B 186 -7.83 -30.79 5.11
C GLN B 186 -8.79 -31.95 5.29
N THR B 187 -9.90 -31.68 5.98
CA THR B 187 -10.87 -32.74 6.25
C THR B 187 -11.61 -33.16 4.99
N THR B 188 -11.96 -32.20 4.13
CA THR B 188 -12.70 -32.46 2.92
C THR B 188 -12.00 -31.81 1.73
N THR B 189 -11.98 -32.51 0.61
CA THR B 189 -11.46 -31.98 -0.64
C THR B 189 -12.61 -31.92 -1.65
N PHE B 190 -12.78 -30.76 -2.26
CA PHE B 190 -13.85 -30.52 -3.22
C PHE B 190 -13.28 -30.51 -4.62
N THR B 191 -13.54 -31.58 -5.37
CA THR B 191 -13.01 -31.76 -6.71
C THR B 191 -14.14 -31.71 -7.74
N GLY B 192 -13.80 -31.32 -8.96
CA GLY B 192 -14.77 -31.28 -10.04
C GLY B 192 -14.56 -30.14 -11.02
N HIS B 193 -13.85 -29.09 -10.62
CA HIS B 193 -13.49 -28.04 -11.54
C HIS B 193 -12.36 -28.51 -12.46
N THR B 194 -12.47 -28.18 -13.74
CA THR B 194 -11.44 -28.52 -14.71
C THR B 194 -10.45 -27.39 -14.95
N GLY B 195 -10.63 -26.26 -14.27
CA GLY B 195 -9.70 -25.14 -14.36
C GLY B 195 -9.35 -24.62 -12.99
N ASP B 196 -8.49 -23.61 -12.97
CA ASP B 196 -8.08 -23.01 -11.71
C ASP B 196 -9.27 -22.36 -11.03
N VAL B 197 -9.57 -22.78 -9.81
CA VAL B 197 -10.63 -22.16 -9.02
C VAL B 197 -10.12 -20.82 -8.51
N MET B 198 -10.82 -19.75 -8.87
CA MET B 198 -10.34 -18.39 -8.60
C MET B 198 -10.98 -17.75 -7.39
N SER B 199 -12.15 -18.22 -6.97
CA SER B 199 -12.86 -17.57 -5.89
C SER B 199 -13.81 -18.55 -5.23
N LEU B 200 -14.24 -18.19 -4.02
CA LEU B 200 -15.31 -18.90 -3.34
C LEU B 200 -16.07 -17.90 -2.48
N SER B 201 -17.34 -18.21 -2.24
CA SER B 201 -18.18 -17.41 -1.36
C SER B 201 -18.95 -18.33 -0.44
N LEU B 202 -19.05 -17.97 0.83
CA LEU B 202 -19.80 -18.74 1.80
C LEU B 202 -21.24 -18.28 1.85
N ALA B 203 -22.15 -19.25 1.97
CA ALA B 203 -23.55 -18.92 2.21
C ALA B 203 -23.72 -18.35 3.61
N PRO B 204 -24.74 -17.51 3.84
CA PRO B 204 -24.89 -16.88 5.15
C PRO B 204 -24.99 -17.86 6.30
N ASP B 205 -25.58 -19.05 6.08
CA ASP B 205 -25.65 -20.07 7.11
C ASP B 205 -24.40 -20.94 7.16
N THR B 206 -23.45 -20.73 6.26
CA THR B 206 -22.18 -21.47 6.23
C THR B 206 -22.39 -22.97 6.08
N ARG B 207 -23.48 -23.37 5.44
CA ARG B 207 -23.70 -24.77 5.09
C ARG B 207 -23.35 -25.07 3.64
N LEU B 208 -23.26 -24.04 2.80
CA LEU B 208 -22.92 -24.18 1.40
C LEU B 208 -21.89 -23.13 1.04
N PHE B 209 -21.18 -23.37 -0.06
CA PHE B 209 -20.35 -22.34 -0.65
C PHE B 209 -20.27 -22.56 -2.15
N VAL B 210 -20.19 -21.47 -2.87
CA VAL B 210 -20.05 -21.48 -4.33
C VAL B 210 -18.62 -21.14 -4.69
N SER B 211 -18.14 -21.73 -5.77
CA SER B 211 -16.81 -21.43 -6.26
C SER B 211 -16.85 -21.20 -7.76
N GLY B 212 -16.06 -20.24 -8.22
CA GLY B 212 -15.92 -19.94 -9.64
C GLY B 212 -14.50 -20.28 -10.09
N ALA B 213 -14.41 -20.96 -11.22
CA ALA B 213 -13.13 -21.42 -11.74
C ALA B 213 -12.87 -20.80 -13.12
N CYS B 214 -11.75 -21.21 -13.71
CA CYS B 214 -11.38 -20.76 -15.05
C CYS B 214 -12.00 -21.62 -16.14
N ASP B 215 -12.76 -22.64 -15.79
CA ASP B 215 -13.60 -23.36 -16.74
C ASP B 215 -14.94 -22.67 -16.98
N ALA B 216 -15.05 -21.40 -16.58
CA ALA B 216 -16.25 -20.60 -16.82
C ALA B 216 -17.50 -21.19 -16.17
N SER B 217 -17.34 -21.92 -15.08
CA SER B 217 -18.47 -22.56 -14.42
C SER B 217 -18.41 -22.29 -12.92
N ALA B 218 -19.59 -22.24 -12.31
CA ALA B 218 -19.73 -22.05 -10.87
C ALA B 218 -20.39 -23.28 -10.27
N LYS B 219 -19.77 -23.83 -9.25
CA LYS B 219 -20.27 -25.03 -8.59
C LYS B 219 -20.72 -24.72 -7.17
N LEU B 220 -21.86 -25.29 -6.78
CA LEU B 220 -22.39 -25.14 -5.43
C LEU B 220 -22.00 -26.39 -4.64
N TRP B 221 -21.30 -26.19 -3.54
CA TRP B 221 -20.76 -27.28 -2.75
C TRP B 221 -21.44 -27.34 -1.40
N ASP B 222 -21.68 -28.56 -0.91
CA ASP B 222 -22.15 -28.77 0.45
C ASP B 222 -20.91 -28.96 1.33
N VAL B 223 -20.80 -28.13 2.38
CA VAL B 223 -19.61 -28.16 3.22
C VAL B 223 -19.53 -29.48 3.97
N ARG B 224 -20.63 -29.89 4.60
CA ARG B 224 -20.60 -31.09 5.43
C ARG B 224 -20.52 -32.35 4.58
N GLU B 225 -21.35 -32.43 3.53
CA GLU B 225 -21.36 -33.64 2.72
C GLU B 225 -20.12 -33.74 1.82
N GLY B 226 -19.66 -32.61 1.30
CA GLY B 226 -18.42 -32.58 0.56
C GLY B 226 -18.52 -32.87 -0.92
N MET B 227 -19.72 -32.79 -1.50
CA MET B 227 -19.91 -33.02 -2.91
C MET B 227 -20.52 -31.79 -3.57
N CYS B 228 -20.44 -31.75 -4.90
CA CYS B 228 -21.04 -30.67 -5.68
C CYS B 228 -22.52 -30.93 -5.85
N ARG B 229 -23.36 -29.98 -5.41
CA ARG B 229 -24.79 -30.13 -5.57
C ARG B 229 -25.26 -29.69 -6.95
N GLN B 230 -24.81 -28.51 -7.40
CA GLN B 230 -25.25 -27.96 -8.67
C GLN B 230 -24.07 -27.30 -9.37
N THR B 231 -24.16 -27.25 -10.70
CA THR B 231 -23.15 -26.58 -11.53
C THR B 231 -23.84 -25.50 -12.36
N PHE B 232 -23.27 -24.30 -12.35
CA PHE B 232 -23.84 -23.16 -13.04
C PHE B 232 -22.89 -22.71 -14.14
N THR B 233 -23.38 -22.70 -15.38
CA THR B 233 -22.61 -22.25 -16.54
C THR B 233 -23.33 -21.08 -17.20
N GLY B 234 -22.65 -20.46 -18.16
CA GLY B 234 -23.18 -19.30 -18.85
C GLY B 234 -22.15 -18.23 -19.14
N HIS B 235 -21.08 -18.19 -18.35
CA HIS B 235 -19.97 -17.30 -18.66
C HIS B 235 -19.19 -17.84 -19.85
N GLU B 236 -18.52 -16.94 -20.56
CA GLU B 236 -17.73 -17.31 -21.72
C GLU B 236 -16.22 -17.30 -21.45
N SER B 237 -15.80 -16.85 -20.28
CA SER B 237 -14.38 -16.80 -19.93
C SER B 237 -14.24 -17.09 -18.44
N ASP B 238 -13.01 -17.02 -17.96
CA ASP B 238 -12.72 -17.35 -16.57
C ASP B 238 -13.54 -16.49 -15.62
N ILE B 239 -14.09 -17.13 -14.59
CA ILE B 239 -14.77 -16.42 -13.52
C ILE B 239 -13.73 -15.97 -12.49
N ASN B 240 -13.75 -14.68 -12.16
CA ASN B 240 -12.79 -14.12 -11.22
C ASN B 240 -13.39 -13.80 -9.87
N ALA B 241 -14.72 -13.63 -9.79
CA ALA B 241 -15.36 -13.17 -8.57
C ALA B 241 -16.70 -13.85 -8.43
N ILE B 242 -17.15 -13.99 -7.18
CA ILE B 242 -18.41 -14.64 -6.89
C ILE B 242 -18.86 -14.15 -5.52
N CYS B 243 -20.19 -13.99 -5.36
CA CYS B 243 -20.72 -13.45 -4.12
C CYS B 243 -22.15 -13.94 -3.91
N PHE B 244 -22.44 -14.44 -2.73
CA PHE B 244 -23.78 -14.90 -2.40
C PHE B 244 -24.73 -13.72 -2.21
N PHE B 245 -25.98 -13.94 -2.61
CA PHE B 245 -27.05 -12.99 -2.29
C PHE B 245 -27.29 -13.00 -0.78
N PRO B 246 -27.69 -11.86 -0.21
CA PRO B 246 -27.77 -11.78 1.25
C PRO B 246 -28.69 -12.81 1.91
N ASN B 247 -29.70 -13.31 1.21
CA ASN B 247 -30.56 -14.34 1.79
C ASN B 247 -30.07 -15.75 1.50
N GLY B 248 -29.00 -15.90 0.71
CA GLY B 248 -28.42 -17.20 0.45
C GLY B 248 -29.08 -17.99 -0.66
N ASN B 249 -30.09 -17.46 -1.32
CA ASN B 249 -30.81 -18.18 -2.37
C ASN B 249 -30.31 -17.85 -3.78
N ALA B 250 -29.29 -17.01 -3.90
CA ALA B 250 -28.77 -16.65 -5.21
C ALA B 250 -27.33 -16.22 -5.06
N PHE B 251 -26.62 -16.12 -6.18
CA PHE B 251 -25.28 -15.59 -6.17
C PHE B 251 -24.98 -14.91 -7.50
N ALA B 252 -24.03 -13.99 -7.47
CA ALA B 252 -23.59 -13.27 -8.65
C ALA B 252 -22.12 -13.57 -8.91
N THR B 253 -21.76 -13.62 -10.19
CA THR B 253 -20.40 -13.90 -10.59
C THR B 253 -19.86 -12.76 -11.45
N GLY B 254 -18.54 -12.67 -11.51
CA GLY B 254 -17.89 -11.75 -12.42
C GLY B 254 -16.80 -12.47 -13.18
N SER B 255 -16.75 -12.28 -14.50
CA SER B 255 -15.83 -13.00 -15.35
C SER B 255 -14.96 -12.04 -16.14
N ASP B 256 -14.04 -12.61 -16.92
CA ASP B 256 -13.21 -11.81 -17.80
C ASP B 256 -13.94 -11.36 -19.05
N ASP B 257 -15.16 -11.85 -19.28
CA ASP B 257 -15.94 -11.45 -20.45
C ASP B 257 -16.75 -10.18 -20.20
N ALA B 258 -16.38 -9.41 -19.18
CA ALA B 258 -17.01 -8.11 -18.90
C ALA B 258 -18.49 -8.23 -18.53
N THR B 259 -18.90 -9.36 -17.97
CA THR B 259 -20.29 -9.57 -17.61
C THR B 259 -20.40 -10.08 -16.18
N CYS B 260 -21.49 -9.71 -15.53
CA CYS B 260 -21.92 -10.28 -14.25
C CYS B 260 -23.26 -10.96 -14.44
N ARG B 261 -23.39 -12.15 -13.86
CA ARG B 261 -24.60 -12.95 -14.00
C ARG B 261 -25.14 -13.28 -12.62
N LEU B 262 -26.46 -13.25 -12.49
CA LEU B 262 -27.13 -13.60 -11.25
C LEU B 262 -27.74 -14.99 -11.41
N PHE B 263 -27.18 -15.96 -10.71
CA PHE B 263 -27.68 -17.33 -10.74
C PHE B 263 -28.55 -17.58 -9.52
N ASP B 264 -29.58 -18.38 -9.69
CA ASP B 264 -30.47 -18.77 -8.60
C ASP B 264 -30.18 -20.20 -8.19
N LEU B 265 -30.08 -20.43 -6.88
CA LEU B 265 -29.81 -21.78 -6.40
C LEU B 265 -31.00 -22.70 -6.62
N ARG B 266 -32.19 -22.26 -6.24
CA ARG B 266 -33.35 -23.13 -6.30
C ARG B 266 -33.86 -23.32 -7.72
N ALA B 267 -33.85 -22.27 -8.53
CA ALA B 267 -34.19 -22.39 -9.94
C ALA B 267 -33.06 -22.99 -10.77
N ASP B 268 -31.84 -23.05 -10.21
CA ASP B 268 -30.71 -23.73 -10.83
C ASP B 268 -30.38 -23.16 -12.21
N GLN B 269 -30.45 -21.83 -12.33
CA GLN B 269 -30.17 -21.21 -13.62
C GLN B 269 -29.89 -19.72 -13.43
N GLU B 270 -29.38 -19.12 -14.49
CA GLU B 270 -29.15 -17.68 -14.53
C GLU B 270 -30.46 -16.92 -14.59
N LEU B 271 -30.51 -15.79 -13.88
CA LEU B 271 -31.70 -14.95 -13.85
C LEU B 271 -31.53 -13.62 -14.56
N MET B 272 -30.33 -13.05 -14.58
CA MET B 272 -30.12 -11.72 -15.11
C MET B 272 -28.65 -11.53 -15.44
N THR B 273 -28.38 -10.74 -16.49
CA THR B 273 -27.03 -10.42 -16.91
C THR B 273 -26.80 -8.93 -16.74
N TYR B 274 -25.64 -8.57 -16.21
CA TYR B 274 -25.27 -7.19 -15.93
C TYR B 274 -24.06 -6.83 -16.79
N SER B 275 -24.31 -6.27 -17.97
CA SER B 275 -23.23 -5.87 -18.86
C SER B 275 -23.63 -4.62 -19.61
N HIS B 276 -22.62 -3.88 -20.07
CA HIS B 276 -22.82 -2.67 -20.84
C HIS B 276 -21.91 -2.70 -22.05
N ASP B 277 -22.32 -1.99 -23.11
CA ASP B 277 -21.52 -1.97 -24.34
C ASP B 277 -20.19 -1.26 -24.15
N ASN B 278 -20.15 -0.22 -23.32
CA ASN B 278 -18.89 0.46 -23.05
C ASN B 278 -17.92 -0.42 -22.27
N ILE B 279 -18.43 -1.36 -21.48
CA ILE B 279 -17.57 -2.17 -20.62
C ILE B 279 -17.00 -3.31 -21.47
N ILE B 280 -15.68 -3.33 -21.61
CA ILE B 280 -15.01 -4.36 -22.41
C ILE B 280 -13.87 -4.98 -21.60
N CYS B 281 -13.78 -4.62 -20.33
CA CYS B 281 -12.70 -5.09 -19.47
C CYS B 281 -13.19 -6.18 -18.54
N GLY B 282 -12.24 -6.95 -18.00
CA GLY B 282 -12.58 -8.02 -17.11
C GLY B 282 -13.06 -7.51 -15.76
N ILE B 283 -13.75 -8.38 -15.04
CA ILE B 283 -14.29 -8.07 -13.72
C ILE B 283 -13.45 -8.78 -12.67
N THR B 284 -13.10 -8.05 -11.61
CA THR B 284 -12.22 -8.57 -10.57
C THR B 284 -12.93 -8.93 -9.28
N SER B 285 -14.00 -8.21 -8.93
CA SER B 285 -14.63 -8.39 -7.63
C SER B 285 -16.11 -8.04 -7.74
N VAL B 286 -16.93 -8.71 -6.93
CA VAL B 286 -18.37 -8.47 -6.89
C VAL B 286 -18.82 -8.53 -5.44
N SER B 287 -19.84 -7.73 -5.12
CA SER B 287 -20.42 -7.74 -3.79
C SER B 287 -21.83 -7.17 -3.88
N PHE B 288 -22.62 -7.46 -2.86
CA PHE B 288 -23.99 -6.98 -2.76
C PHE B 288 -24.12 -5.98 -1.61
N SER B 289 -25.08 -5.07 -1.75
CA SER B 289 -25.46 -4.24 -0.63
C SER B 289 -26.25 -5.07 0.39
N LYS B 290 -26.52 -4.46 1.55
CA LYS B 290 -27.08 -5.23 2.66
C LYS B 290 -28.44 -5.81 2.29
N SER B 291 -29.27 -5.04 1.60
CA SER B 291 -30.55 -5.56 1.13
C SER B 291 -30.42 -6.36 -0.16
N GLY B 292 -29.26 -6.35 -0.81
CA GLY B 292 -29.07 -7.06 -2.05
C GLY B 292 -29.57 -6.32 -3.27
N ARG B 293 -30.13 -5.11 -3.11
CA ARG B 293 -30.66 -4.38 -4.25
C ARG B 293 -29.57 -3.86 -5.16
N LEU B 294 -28.38 -3.63 -4.62
CA LEU B 294 -27.26 -3.12 -5.40
C LEU B 294 -26.21 -4.23 -5.56
N LEU B 295 -25.70 -4.35 -6.78
CA LEU B 295 -24.58 -5.24 -7.07
C LEU B 295 -23.39 -4.36 -7.44
N LEU B 296 -22.35 -4.38 -6.61
CA LEU B 296 -21.16 -3.59 -6.85
C LEU B 296 -20.09 -4.48 -7.44
N ALA B 297 -19.49 -4.04 -8.55
CA ALA B 297 -18.50 -4.84 -9.25
C ALA B 297 -17.27 -3.98 -9.51
N GLY B 298 -16.09 -4.53 -9.26
CA GLY B 298 -14.84 -3.88 -9.60
C GLY B 298 -14.34 -4.36 -10.94
N TYR B 299 -13.72 -3.46 -11.69
CA TYR B 299 -13.41 -3.69 -13.08
C TYR B 299 -11.94 -3.40 -13.36
N ASP B 300 -11.48 -3.90 -14.50
CA ASP B 300 -10.12 -3.61 -14.96
C ASP B 300 -9.97 -2.19 -15.46
N ASP B 301 -11.07 -1.52 -15.82
CA ASP B 301 -10.99 -0.17 -16.35
C ASP B 301 -10.90 0.89 -15.26
N PHE B 302 -10.43 0.50 -14.08
CA PHE B 302 -10.12 1.36 -12.94
C PHE B 302 -11.36 1.82 -12.19
N ASN B 303 -12.53 1.29 -12.51
CA ASN B 303 -13.79 1.79 -11.96
C ASN B 303 -14.51 0.70 -11.20
N CYS B 304 -15.45 1.12 -10.36
CA CYS B 304 -16.38 0.23 -9.69
C CYS B 304 -17.78 0.65 -10.10
N ASN B 305 -18.51 -0.25 -10.74
CA ASN B 305 -19.85 0.03 -11.23
C ASN B 305 -20.89 -0.52 -10.26
N VAL B 306 -21.82 0.35 -9.86
CA VAL B 306 -22.94 -0.03 -9.01
C VAL B 306 -24.13 -0.35 -9.90
N TRP B 307 -24.62 -1.58 -9.83
CA TRP B 307 -25.72 -2.03 -10.65
C TRP B 307 -27.00 -2.13 -9.83
N ASP B 308 -28.13 -1.94 -10.50
CA ASP B 308 -29.42 -2.29 -9.93
C ASP B 308 -29.59 -3.79 -10.11
N ALA B 309 -29.61 -4.53 -9.00
CA ALA B 309 -29.65 -5.98 -9.08
C ALA B 309 -30.94 -6.47 -9.74
N LEU B 310 -32.06 -5.85 -9.41
CA LEU B 310 -33.35 -6.32 -9.94
C LEU B 310 -33.55 -5.91 -11.39
N LYS B 311 -33.15 -4.70 -11.78
CA LYS B 311 -33.46 -4.16 -13.09
C LYS B 311 -32.27 -4.12 -14.05
N ALA B 312 -31.09 -4.54 -13.60
CA ALA B 312 -29.89 -4.58 -14.45
C ALA B 312 -29.54 -3.23 -15.03
N ASP B 313 -29.69 -2.18 -14.24
CA ASP B 313 -29.34 -0.82 -14.63
C ASP B 313 -28.09 -0.40 -13.89
N ARG B 314 -27.17 0.26 -14.58
CA ARG B 314 -25.97 0.80 -13.94
C ARG B 314 -26.38 2.02 -13.13
N ALA B 315 -26.44 1.86 -11.80
CA ALA B 315 -26.93 2.93 -10.94
C ALA B 315 -25.91 4.03 -10.74
N GLY B 316 -24.62 3.69 -10.68
CA GLY B 316 -23.61 4.69 -10.45
C GLY B 316 -22.23 4.13 -10.69
N VAL B 317 -21.24 4.99 -10.52
CA VAL B 317 -19.84 4.64 -10.75
C VAL B 317 -19.02 5.18 -9.59
N LEU B 318 -18.13 4.34 -9.06
CA LEU B 318 -17.13 4.78 -8.09
C LEU B 318 -15.82 4.88 -8.87
N ALA B 319 -15.43 6.10 -9.21
CA ALA B 319 -14.22 6.36 -9.98
C ALA B 319 -13.24 7.12 -9.08
N GLY B 320 -12.36 6.36 -8.43
CA GLY B 320 -11.37 6.96 -7.55
C GLY B 320 -10.03 6.27 -7.55
N HIS B 321 -9.75 5.43 -8.54
CA HIS B 321 -8.48 4.72 -8.58
C HIS B 321 -7.82 4.87 -9.95
N ASP B 322 -6.49 4.85 -9.93
CA ASP B 322 -5.68 5.01 -11.14
C ASP B 322 -5.14 3.69 -11.66
N ASN B 323 -5.55 2.57 -11.08
CA ASN B 323 -5.16 1.26 -11.57
C ASN B 323 -6.33 0.31 -11.35
N ARG B 324 -6.08 -0.98 -11.56
CA ARG B 324 -7.14 -1.98 -11.47
C ARG B 324 -7.80 -1.93 -10.10
N VAL B 325 -9.12 -1.99 -10.08
CA VAL B 325 -9.83 -2.31 -8.84
C VAL B 325 -9.71 -3.81 -8.62
N SER B 326 -8.87 -4.21 -7.67
CA SER B 326 -8.56 -5.62 -7.47
C SER B 326 -9.50 -6.31 -6.50
N CYS B 327 -10.15 -5.57 -5.63
CA CYS B 327 -10.99 -6.15 -4.60
C CYS B 327 -11.95 -5.10 -4.10
N LEU B 328 -13.06 -5.56 -3.54
CA LEU B 328 -14.00 -4.67 -2.88
C LEU B 328 -14.79 -5.48 -1.88
N GLY B 329 -15.42 -4.77 -0.95
CA GLY B 329 -16.25 -5.42 0.05
C GLY B 329 -17.19 -4.45 0.71
N VAL B 330 -18.35 -4.95 1.10
CA VAL B 330 -19.39 -4.16 1.74
C VAL B 330 -19.48 -4.61 3.18
N THR B 331 -19.62 -3.66 4.10
CA THR B 331 -19.68 -4.00 5.51
C THR B 331 -20.92 -4.84 5.81
N ASP B 332 -20.87 -5.56 6.94
CA ASP B 332 -22.01 -6.38 7.32
C ASP B 332 -23.22 -5.54 7.64
N ASP B 333 -23.02 -4.35 8.22
CA ASP B 333 -24.15 -3.47 8.48
C ASP B 333 -24.58 -2.69 7.25
N GLY B 334 -23.84 -2.81 6.14
CA GLY B 334 -24.21 -2.15 4.91
C GLY B 334 -23.88 -0.68 4.87
N MET B 335 -23.07 -0.18 5.80
CA MET B 335 -22.88 1.26 5.91
C MET B 335 -21.94 1.79 4.82
N ALA B 336 -20.93 1.02 4.44
CA ALA B 336 -19.92 1.52 3.53
C ALA B 336 -19.41 0.40 2.66
N VAL B 337 -18.72 0.77 1.58
CA VAL B 337 -18.06 -0.18 0.70
C VAL B 337 -16.61 0.21 0.59
N ALA B 338 -15.72 -0.76 0.68
CA ALA B 338 -14.29 -0.53 0.52
C ALA B 338 -13.84 -1.04 -0.84
N THR B 339 -12.97 -0.29 -1.49
CA THR B 339 -12.39 -0.69 -2.77
C THR B 339 -10.88 -0.70 -2.64
N GLY B 340 -10.27 -1.82 -3.01
CA GLY B 340 -8.83 -1.94 -3.09
C GLY B 340 -8.38 -1.94 -4.54
N SER B 341 -7.15 -1.51 -4.77
CA SER B 341 -6.71 -1.29 -6.14
C SER B 341 -5.22 -1.57 -6.27
N TRP B 342 -4.80 -1.79 -7.52
CA TRP B 342 -3.39 -1.93 -7.85
C TRP B 342 -2.60 -0.65 -7.68
N ASP B 343 -3.26 0.50 -7.48
CA ASP B 343 -2.54 1.74 -7.22
C ASP B 343 -2.11 1.87 -5.76
N SER B 344 -2.34 0.81 -4.97
CA SER B 344 -1.90 0.67 -3.59
C SER B 344 -2.77 1.43 -2.59
N PHE B 345 -3.97 1.85 -2.96
CA PHE B 345 -4.83 2.59 -2.05
C PHE B 345 -6.14 1.85 -1.84
N LEU B 346 -6.70 2.03 -0.65
CA LEU B 346 -8.05 1.59 -0.32
C LEU B 346 -8.92 2.81 -0.06
N LYS B 347 -10.16 2.76 -0.52
CA LYS B 347 -11.08 3.86 -0.34
C LYS B 347 -12.39 3.35 0.24
N ILE B 348 -12.97 4.14 1.13
CA ILE B 348 -14.23 3.82 1.78
C ILE B 348 -15.28 4.77 1.22
N TRP B 349 -16.40 4.21 0.76
CA TRP B 349 -17.44 4.98 0.08
C TRP B 349 -18.77 4.78 0.77
N ASN B 350 -19.56 5.86 0.84
CA ASN B 350 -21.00 5.77 1.09
C ASN B 350 -21.62 7.07 0.64
N GLY B 351 -22.96 7.06 0.53
CA GLY B 351 -23.68 8.22 0.07
C GLY B 351 -24.05 9.17 1.20
N SER B 352 -24.70 10.27 0.80
CA SER B 352 -25.21 11.25 1.75
C SER B 352 -26.61 11.66 1.34
N SER B 353 -27.42 11.98 2.35
CA SER B 353 -28.80 12.40 2.11
C SER B 353 -28.86 13.74 1.41
N THR C 6 -6.73 -47.09 -18.24
CA THR C 6 -8.11 -47.09 -17.78
C THR C 6 -8.42 -45.83 -16.96
N ALA C 7 -7.66 -44.78 -17.22
CA ALA C 7 -7.90 -43.51 -16.52
C ALA C 7 -9.13 -42.81 -17.06
N SER C 8 -9.31 -42.79 -18.39
CA SER C 8 -10.45 -42.12 -18.99
C SER C 8 -11.76 -42.79 -18.62
N ILE C 9 -11.79 -44.13 -18.61
CA ILE C 9 -13.04 -44.83 -18.30
C ILE C 9 -13.43 -44.62 -16.84
N ALA C 10 -12.44 -44.55 -15.95
CA ALA C 10 -12.76 -44.27 -14.54
C ALA C 10 -13.29 -42.86 -14.35
N GLN C 11 -12.72 -41.89 -15.05
CA GLN C 11 -13.21 -40.52 -14.95
C GLN C 11 -14.60 -40.39 -15.59
N ALA C 12 -14.85 -41.14 -16.66
CA ALA C 12 -16.14 -41.05 -17.34
C ALA C 12 -17.28 -41.52 -16.44
N ARG C 13 -17.06 -42.59 -15.67
CA ARG C 13 -18.09 -43.08 -14.77
C ARG C 13 -18.42 -42.03 -13.70
N LYS C 14 -17.40 -41.38 -13.16
CA LYS C 14 -17.63 -40.37 -12.13
C LYS C 14 -18.38 -39.16 -12.68
N LEU C 15 -18.00 -38.70 -13.88
CA LEU C 15 -18.67 -37.55 -14.47
C LEU C 15 -20.12 -37.86 -14.79
N VAL C 16 -20.40 -39.07 -15.30
CA VAL C 16 -21.78 -39.46 -15.55
C VAL C 16 -22.55 -39.56 -14.24
N GLU C 17 -21.92 -40.13 -13.22
CA GLU C 17 -22.58 -40.29 -11.93
C GLU C 17 -22.89 -38.94 -11.30
N GLN C 18 -22.00 -37.96 -11.48
CA GLN C 18 -22.25 -36.64 -10.94
C GLN C 18 -23.45 -35.99 -11.62
N LEU C 19 -23.56 -36.13 -12.94
CA LEU C 19 -24.67 -35.51 -13.66
C LEU C 19 -26.01 -36.10 -13.23
N LYS C 20 -26.02 -37.34 -12.76
CA LYS C 20 -27.26 -37.92 -12.25
C LYS C 20 -27.72 -37.20 -10.99
N MET C 21 -26.79 -36.87 -10.09
CA MET C 21 -27.16 -36.19 -8.86
C MET C 21 -27.71 -34.79 -9.15
N GLU C 22 -27.09 -34.07 -10.08
CA GLU C 22 -27.52 -32.72 -10.39
C GLU C 22 -28.85 -32.69 -11.12
N ALA C 23 -29.17 -33.75 -11.87
CA ALA C 23 -30.40 -33.81 -12.64
C ALA C 23 -31.62 -34.21 -11.83
N ASN C 24 -31.45 -34.63 -10.58
CA ASN C 24 -32.55 -35.13 -9.76
C ASN C 24 -33.02 -34.11 -8.73
N ILE C 25 -32.58 -32.86 -8.83
CA ILE C 25 -32.96 -31.84 -7.86
C ILE C 25 -34.31 -31.24 -8.24
N ASP C 26 -35.01 -30.71 -7.24
CA ASP C 26 -36.28 -30.03 -7.46
C ASP C 26 -36.02 -28.57 -7.83
N ARG C 27 -36.63 -28.14 -8.93
CA ARG C 27 -36.47 -26.79 -9.45
C ARG C 27 -37.79 -26.04 -9.33
N ILE C 28 -37.75 -24.84 -8.75
CA ILE C 28 -38.91 -23.97 -8.71
C ILE C 28 -38.92 -23.09 -9.95
N LYS C 29 -40.06 -22.48 -10.22
CA LYS C 29 -40.18 -21.60 -11.38
C LYS C 29 -39.33 -20.36 -11.21
N VAL C 30 -38.89 -19.80 -12.35
CA VAL C 30 -38.09 -18.58 -12.32
C VAL C 30 -38.93 -17.43 -11.77
N SER C 31 -40.22 -17.41 -12.10
CA SER C 31 -41.09 -16.38 -11.55
C SER C 31 -41.16 -16.47 -10.04
N LYS C 32 -41.25 -17.69 -9.50
CA LYS C 32 -41.24 -17.88 -8.05
C LYS C 32 -39.92 -17.43 -7.45
N ALA C 33 -38.81 -17.78 -8.09
CA ALA C 33 -37.50 -17.35 -7.60
C ALA C 33 -37.32 -15.84 -7.74
N ALA C 34 -37.79 -15.27 -8.84
CA ALA C 34 -37.68 -13.82 -9.04
C ALA C 34 -38.48 -13.06 -8.00
N ALA C 35 -39.69 -13.54 -7.67
CA ALA C 35 -40.51 -12.86 -6.68
C ALA C 35 -39.86 -12.88 -5.31
N ASP C 36 -39.23 -13.99 -4.93
CA ASP C 36 -38.56 -14.06 -3.64
C ASP C 36 -37.41 -13.07 -3.54
N LEU C 37 -36.62 -12.94 -4.61
CA LEU C 37 -35.55 -11.95 -4.61
C LEU C 37 -36.10 -10.54 -4.53
N MET C 38 -37.18 -10.27 -5.26
CA MET C 38 -37.81 -8.95 -5.19
C MET C 38 -38.39 -8.67 -3.82
N ALA C 39 -38.97 -9.70 -3.18
CA ALA C 39 -39.54 -9.52 -1.85
C ALA C 39 -38.47 -9.20 -0.82
N TYR C 40 -37.33 -9.89 -0.87
CA TYR C 40 -36.27 -9.65 0.10
C TYR C 40 -35.70 -8.25 -0.05
N CYS C 41 -35.52 -7.79 -1.29
CA CYS C 41 -35.02 -6.44 -1.51
C CYS C 41 -36.01 -5.40 -0.98
N GLU C 42 -37.30 -5.60 -1.20
CA GLU C 42 -38.30 -4.65 -0.73
C GLU C 42 -38.34 -4.62 0.79
N ALA C 43 -38.28 -5.78 1.44
CA ALA C 43 -38.44 -5.84 2.89
C ALA C 43 -37.27 -5.19 3.61
N HIS C 44 -36.07 -5.27 3.06
CA HIS C 44 -34.87 -4.75 3.72
C HIS C 44 -34.39 -3.44 3.10
N ALA C 45 -35.23 -2.78 2.30
CA ALA C 45 -34.80 -1.56 1.61
C ALA C 45 -34.46 -0.46 2.61
N LYS C 46 -35.28 -0.31 3.66
CA LYS C 46 -35.07 0.80 4.58
C LYS C 46 -33.80 0.65 5.39
N GLU C 47 -33.40 -0.59 5.69
CA GLU C 47 -32.19 -0.85 6.46
C GLU C 47 -30.98 -1.05 5.56
N ASP C 48 -30.99 -0.50 4.36
CA ASP C 48 -29.83 -0.53 3.46
C ASP C 48 -29.25 0.87 3.38
N PRO C 49 -28.16 1.17 4.09
CA PRO C 49 -27.59 2.52 4.02
C PRO C 49 -27.10 2.92 2.64
N LEU C 50 -26.57 2.00 1.84
CA LEU C 50 -26.08 2.37 0.52
C LEU C 50 -27.23 2.75 -0.41
N LEU C 51 -28.34 2.03 -0.31
CA LEU C 51 -29.52 2.36 -1.12
C LEU C 51 -30.14 3.67 -0.68
N THR C 52 -30.35 3.83 0.62
CA THR C 52 -30.92 5.06 1.19
C THR C 52 -29.91 5.62 2.18
N PRO C 53 -29.09 6.59 1.78
CA PRO C 53 -28.06 7.12 2.68
C PRO C 53 -28.66 7.68 3.97
N VAL C 54 -27.98 7.40 5.07
CA VAL C 54 -28.45 7.79 6.39
C VAL C 54 -28.10 9.25 6.64
N PRO C 55 -28.75 9.94 7.58
CA PRO C 55 -28.33 11.30 7.91
C PRO C 55 -26.91 11.34 8.44
N ALA C 56 -26.25 12.47 8.23
CA ALA C 56 -24.84 12.61 8.59
C ALA C 56 -24.59 12.30 10.06
N SER C 57 -25.59 12.51 10.92
CA SER C 57 -25.43 12.18 12.33
C SER C 57 -25.27 10.68 12.53
N GLU C 58 -25.87 9.88 11.66
CA GLU C 58 -25.85 8.43 11.78
C GLU C 58 -24.78 7.79 10.91
N ASN C 59 -23.95 8.59 10.24
CA ASN C 59 -22.94 8.06 9.35
C ASN C 59 -21.61 7.99 10.08
N PRO C 60 -21.09 6.79 10.36
CA PRO C 60 -19.77 6.70 11.03
C PRO C 60 -18.62 7.27 10.22
N PHE C 61 -18.79 7.48 8.92
CA PHE C 61 -17.72 7.92 8.04
C PHE C 61 -17.90 9.37 7.59
N ARG C 62 -18.42 10.22 8.46
CA ARG C 62 -18.60 11.64 8.17
C ARG C 62 -17.34 12.27 7.56
N ASP D 1 6.18 -17.36 29.51
CA ASP D 1 5.00 -16.64 29.95
C ASP D 1 5.35 -15.17 30.15
N VAL D 2 4.32 -14.33 30.20
CA VAL D 2 4.54 -12.89 30.36
C VAL D 2 5.03 -12.60 31.76
N GLN D 3 6.14 -11.89 31.86
CA GLN D 3 6.76 -11.61 33.15
C GLN D 3 7.17 -10.14 33.20
N LEU D 4 7.06 -9.55 34.38
CA LEU D 4 7.52 -8.17 34.62
C LEU D 4 8.15 -8.15 36.01
N VAL D 5 9.47 -8.06 36.08
CA VAL D 5 10.20 -8.12 37.35
C VAL D 5 10.78 -6.75 37.63
N GLU D 6 10.43 -6.20 38.79
CA GLU D 6 10.95 -4.91 39.24
C GLU D 6 12.10 -5.11 40.22
N SER D 7 13.04 -4.17 40.20
CA SER D 7 14.18 -4.20 41.11
C SER D 7 14.67 -2.78 41.34
N GLY D 8 15.50 -2.62 42.36
CA GLY D 8 16.06 -1.34 42.73
C GLY D 8 15.41 -0.65 43.91
N GLY D 9 14.29 -1.17 44.40
CA GLY D 9 13.64 -0.56 45.54
C GLY D 9 14.35 -0.86 46.84
N GLY D 10 14.07 -0.04 47.84
CA GLY D 10 14.67 -0.22 49.15
C GLY D 10 14.62 1.06 49.95
N LEU D 11 15.14 0.97 51.17
CA LEU D 11 15.12 2.11 52.07
C LEU D 11 16.15 3.14 51.65
N VAL D 12 15.69 4.39 51.46
CA VAL D 12 16.54 5.49 51.03
C VAL D 12 16.34 6.67 51.96
N GLN D 13 17.36 7.53 52.01
CA GLN D 13 17.29 8.72 52.83
C GLN D 13 16.46 9.80 52.13
N PRO D 14 15.80 10.67 52.89
CA PRO D 14 15.05 11.77 52.26
C PRO D 14 15.98 12.67 51.45
N GLY D 15 15.49 13.12 50.31
CA GLY D 15 16.30 13.93 49.41
C GLY D 15 17.27 13.15 48.55
N GLY D 16 17.27 11.82 48.63
CA GLY D 16 18.19 11.00 47.87
C GLY D 16 17.67 10.70 46.48
N SER D 17 18.39 9.81 45.80
CA SER D 17 18.04 9.40 44.45
C SER D 17 18.08 7.89 44.35
N ARG D 18 17.17 7.35 43.54
CA ARG D 18 17.10 5.90 43.36
C ARG D 18 16.62 5.59 41.94
N LYS D 19 17.12 4.50 41.40
CA LYS D 19 16.83 4.07 40.04
C LYS D 19 16.10 2.73 40.11
N LEU D 20 14.85 2.71 39.64
CA LEU D 20 14.05 1.50 39.62
C LEU D 20 14.08 0.90 38.21
N SER D 21 14.18 -0.42 38.16
CA SER D 21 14.22 -1.15 36.90
C SER D 21 13.06 -2.13 36.83
N CYS D 22 12.51 -2.30 35.63
CA CYS D 22 11.47 -3.29 35.36
C CYS D 22 11.87 -4.07 34.13
N SER D 23 12.30 -5.32 34.34
CA SER D 23 12.71 -6.18 33.23
C SER D 23 11.52 -6.99 32.73
N ALA D 24 11.31 -6.96 31.42
CA ALA D 24 10.19 -7.63 30.79
C ALA D 24 10.66 -8.83 29.99
N SER D 25 9.93 -9.94 30.12
CA SER D 25 10.21 -11.14 29.36
C SER D 25 8.89 -11.79 28.95
N GLY D 26 8.91 -12.47 27.81
CA GLY D 26 7.74 -13.20 27.36
C GLY D 26 6.73 -12.44 26.55
N PHE D 27 7.01 -11.19 26.19
CA PHE D 27 6.10 -10.45 25.32
C PHE D 27 6.90 -9.39 24.59
N ALA D 28 6.28 -8.85 23.53
CA ALA D 28 6.94 -7.82 22.72
C ALA D 28 6.99 -6.51 23.47
N PHE D 29 8.09 -6.28 24.19
CA PHE D 29 8.17 -5.13 25.09
C PHE D 29 8.06 -3.82 24.35
N SER D 30 8.71 -3.70 23.19
CA SER D 30 8.72 -2.44 22.47
C SER D 30 7.35 -2.04 21.94
N SER D 31 6.40 -2.98 21.87
CA SER D 31 5.07 -2.68 21.37
C SER D 31 4.13 -2.13 22.43
N PHE D 32 4.50 -2.20 23.71
CA PHE D 32 3.63 -1.83 24.80
C PHE D 32 4.08 -0.49 25.39
N GLY D 33 3.12 0.39 25.63
CA GLY D 33 3.37 1.49 26.53
C GLY D 33 3.47 1.00 27.95
N MET D 34 4.21 1.73 28.77
CA MET D 34 4.47 1.29 30.13
C MET D 34 4.11 2.40 31.11
N HIS D 35 3.51 2.01 32.22
CA HIS D 35 3.18 2.92 33.30
C HIS D 35 3.87 2.48 34.58
N TRP D 36 4.19 3.45 35.43
CA TRP D 36 4.51 3.18 36.83
C TRP D 36 3.33 3.62 37.67
N VAL D 37 2.82 2.70 38.50
CA VAL D 37 1.73 3.00 39.42
C VAL D 37 2.23 2.62 40.81
N ARG D 38 2.04 3.51 41.77
CA ARG D 38 2.46 3.23 43.13
C ARG D 38 1.25 3.14 44.05
N GLN D 39 1.47 2.48 45.19
CA GLN D 39 0.44 2.28 46.20
C GLN D 39 1.09 2.47 47.55
N ALA D 40 0.72 3.54 48.23
CA ALA D 40 1.24 3.77 49.57
C ALA D 40 0.70 2.71 50.52
N PRO D 41 1.48 2.33 51.54
CA PRO D 41 1.01 1.31 52.48
C PRO D 41 -0.32 1.70 53.11
N GLU D 42 -1.27 0.75 53.09
CA GLU D 42 -2.63 0.97 53.58
C GLU D 42 -3.30 2.14 52.88
N LYS D 43 -3.02 2.29 51.58
CA LYS D 43 -3.63 3.34 50.77
C LYS D 43 -3.97 2.75 49.41
N GLY D 44 -4.58 3.58 48.55
CA GLY D 44 -4.98 3.16 47.23
C GLY D 44 -3.89 3.36 46.21
N LEU D 45 -4.23 3.09 44.96
CA LEU D 45 -3.28 3.17 43.87
C LEU D 45 -3.12 4.61 43.41
N GLU D 46 -1.91 4.96 42.98
CA GLU D 46 -1.61 6.30 42.48
C GLU D 46 -0.71 6.18 41.27
N TRP D 47 -1.15 6.72 40.14
CA TRP D 47 -0.36 6.64 38.91
C TRP D 47 0.82 7.60 38.98
N VAL D 48 1.97 7.14 38.52
CA VAL D 48 3.23 7.87 38.63
C VAL D 48 3.67 8.47 37.30
N ALA D 49 3.84 7.62 36.29
CA ALA D 49 4.43 8.09 35.04
C ALA D 49 3.97 7.18 33.91
N TYR D 50 4.18 7.63 32.68
CA TYR D 50 3.86 6.87 31.49
C TYR D 50 4.87 7.16 30.39
N ILE D 51 5.35 6.12 29.73
CA ILE D 51 6.15 6.27 28.51
C ILE D 51 5.51 5.42 27.42
N SER D 52 5.30 6.01 26.25
CA SER D 52 4.60 5.30 25.19
C SER D 52 5.56 4.36 24.47
N SER D 53 4.97 3.48 23.66
CA SER D 53 5.76 2.69 22.72
C SER D 53 6.46 3.60 21.73
N GLY D 54 7.76 3.39 21.54
CA GLY D 54 8.56 4.27 20.73
C GLY D 54 9.08 5.50 21.44
N SER D 55 8.79 5.65 22.73
CA SER D 55 9.36 6.68 23.58
C SER D 55 9.01 8.10 23.14
N GLY D 56 7.98 8.24 22.29
CA GLY D 56 7.65 9.56 21.78
C GLY D 56 6.86 10.41 22.75
N THR D 57 6.06 9.79 23.60
CA THR D 57 5.19 10.50 24.53
C THR D 57 5.51 10.07 25.95
N ILE D 58 5.66 11.05 26.84
CA ILE D 58 5.97 10.81 28.25
C ILE D 58 5.06 11.70 29.07
N TYR D 59 4.40 11.12 30.07
CA TYR D 59 3.53 11.85 30.98
C TYR D 59 3.93 11.57 32.42
N TYR D 60 3.71 12.56 33.27
CA TYR D 60 4.01 12.45 34.69
C TYR D 60 2.82 12.96 35.50
N ALA D 61 2.67 12.42 36.70
CA ALA D 61 1.76 13.01 37.66
C ALA D 61 2.36 14.30 38.20
N ASP D 62 1.48 15.23 38.58
CA ASP D 62 1.97 16.54 39.04
C ASP D 62 2.82 16.41 40.30
N THR D 63 2.50 15.45 41.17
CA THR D 63 3.23 15.29 42.42
C THR D 63 4.65 14.80 42.22
N VAL D 64 4.99 14.27 41.05
CA VAL D 64 6.32 13.74 40.78
C VAL D 64 7.01 14.43 39.61
N LYS D 65 6.32 15.30 38.88
CA LYS D 65 6.89 15.93 37.71
C LYS D 65 8.07 16.81 38.08
N GLY D 66 9.17 16.67 37.34
CA GLY D 66 10.40 17.37 37.63
C GLY D 66 11.38 16.60 38.49
N ARG D 67 10.91 15.62 39.27
CA ARG D 67 11.78 14.80 40.10
C ARG D 67 11.98 13.40 39.56
N PHE D 68 11.00 12.83 38.89
CA PHE D 68 11.07 11.49 38.35
C PHE D 68 11.33 11.55 36.86
N THR D 69 12.14 10.61 36.36
CA THR D 69 12.37 10.46 34.93
C THR D 69 12.13 9.01 34.54
N ILE D 70 11.27 8.80 33.54
CA ILE D 70 10.91 7.47 33.07
C ILE D 70 11.56 7.25 31.72
N SER D 71 12.18 6.09 31.53
CA SER D 71 12.86 5.77 30.30
C SER D 71 12.78 4.27 30.08
N ARG D 72 13.06 3.85 28.85
CA ARG D 72 13.00 2.44 28.49
C ARG D 72 14.21 2.07 27.65
N ASP D 73 14.60 0.80 27.71
CA ASP D 73 15.65 0.24 26.87
C ASP D 73 15.03 -0.92 26.10
N ASP D 74 14.56 -0.65 24.88
CA ASP D 74 13.87 -1.68 24.11
C ASP D 74 14.75 -2.90 23.80
N PRO D 75 16.00 -2.75 23.35
CA PRO D 75 16.82 -3.96 23.12
C PRO D 75 17.02 -4.81 24.36
N LYS D 76 17.13 -4.20 25.54
CA LYS D 76 17.30 -4.95 26.77
C LYS D 76 15.98 -5.29 27.45
N ASN D 77 14.86 -4.79 26.91
CA ASN D 77 13.54 -5.02 27.49
C ASN D 77 13.47 -4.59 28.95
N THR D 78 14.02 -3.41 29.23
CA THR D 78 14.06 -2.88 30.59
C THR D 78 13.35 -1.54 30.63
N LEU D 79 12.49 -1.36 31.65
CA LEU D 79 11.83 -0.10 31.94
C LEU D 79 12.48 0.52 33.17
N PHE D 80 12.73 1.82 33.10
CA PHE D 80 13.45 2.52 34.17
C PHE D 80 12.58 3.62 34.77
N LEU D 81 12.85 3.93 36.03
CA LEU D 81 12.26 5.08 36.71
C LEU D 81 13.36 5.70 37.56
N GLN D 82 13.92 6.81 37.08
CA GLN D 82 14.94 7.53 37.83
C GLN D 82 14.25 8.55 38.74
N MET D 83 14.48 8.41 40.04
CA MET D 83 13.85 9.27 41.04
C MET D 83 14.91 10.11 41.73
N THR D 84 14.57 11.37 41.99
CA THR D 84 15.46 12.29 42.66
C THR D 84 14.69 13.08 43.70
N SER D 85 15.43 13.56 44.71
CA SER D 85 14.87 14.38 45.78
C SER D 85 13.71 13.66 46.47
N LEU D 86 13.93 12.39 46.80
CA LEU D 86 12.87 11.55 47.35
C LEU D 86 12.41 12.07 48.70
N ARG D 87 11.10 12.15 48.87
CA ARG D 87 10.45 12.64 50.08
C ARG D 87 9.75 11.49 50.78
N SER D 88 9.32 11.76 52.02
CA SER D 88 8.55 10.75 52.75
C SER D 88 7.23 10.45 52.06
N GLU D 89 6.74 11.34 51.19
CA GLU D 89 5.53 11.10 50.43
C GLU D 89 5.73 10.07 49.34
N ASP D 90 6.97 9.70 49.04
CA ASP D 90 7.26 8.75 47.98
C ASP D 90 7.36 7.31 48.48
N THR D 91 7.16 7.07 49.78
CA THR D 91 7.22 5.72 50.31
C THR D 91 6.02 4.93 49.81
N ALA D 92 6.25 3.98 48.90
CA ALA D 92 5.16 3.22 48.32
C ALA D 92 5.72 2.00 47.63
N MET D 93 4.81 1.09 47.25
CA MET D 93 5.13 -0.02 46.36
C MET D 93 4.89 0.42 44.93
N TYR D 94 5.92 0.35 44.09
CA TYR D 94 5.87 0.84 42.72
C TYR D 94 5.65 -0.34 41.78
N TYR D 95 4.58 -0.28 41.01
CA TYR D 95 4.20 -1.36 40.10
C TYR D 95 4.53 -0.98 38.67
N CYS D 96 5.04 -1.95 37.92
CA CYS D 96 5.30 -1.81 36.51
C CYS D 96 4.13 -2.39 35.73
N VAL D 97 3.50 -1.57 34.90
CA VAL D 97 2.26 -1.95 34.21
C VAL D 97 2.47 -1.78 32.71
N ARG D 98 2.15 -2.82 31.95
CA ARG D 98 2.15 -2.75 30.50
C ARG D 98 0.78 -2.33 30.02
N SER D 99 0.75 -1.61 28.90
CA SER D 99 -0.52 -1.17 28.33
C SER D 99 -0.30 -0.94 26.84
N ILE D 100 -1.08 -1.62 26.01
CA ILE D 100 -1.02 -1.46 24.56
C ILE D 100 -2.30 -0.78 24.09
N TYR D 101 -2.16 0.10 23.10
CA TYR D 101 -3.27 0.95 22.66
C TYR D 101 -3.50 0.77 21.17
N TYR D 102 -4.59 0.11 20.82
CA TYR D 102 -5.15 0.10 19.49
C TYR D 102 -6.63 -0.16 19.64
N TYR D 103 -7.37 -0.08 18.55
CA TYR D 103 -8.81 -0.29 18.62
C TYR D 103 -9.12 -1.68 19.18
N GLY D 104 -9.82 -1.71 20.31
CA GLY D 104 -10.18 -2.96 20.94
C GLY D 104 -9.15 -3.56 21.86
N SER D 105 -8.03 -2.89 22.09
CA SER D 105 -7.03 -3.43 23.00
C SER D 105 -7.52 -3.34 24.45
N SER D 106 -6.79 -4.01 25.34
CA SER D 106 -7.10 -4.03 26.77
C SER D 106 -5.90 -3.47 27.51
N PRO D 107 -5.83 -2.14 27.70
CA PRO D 107 -4.73 -1.56 28.45
C PRO D 107 -4.76 -1.96 29.92
N PHE D 108 -3.58 -1.89 30.54
CA PHE D 108 -3.40 -2.19 31.96
C PHE D 108 -3.71 -3.65 32.27
N ASP D 109 -3.51 -4.53 31.29
CA ASP D 109 -3.89 -5.93 31.47
C ASP D 109 -2.90 -6.69 32.35
N PHE D 110 -1.61 -6.36 32.30
CA PHE D 110 -0.63 -7.08 33.09
C PHE D 110 0.17 -6.11 33.94
N TRP D 111 0.31 -6.45 35.22
CA TRP D 111 1.08 -5.68 36.19
C TRP D 111 2.25 -6.52 36.67
N GLY D 112 3.34 -5.85 37.05
CA GLY D 112 4.43 -6.54 37.68
C GLY D 112 4.19 -6.77 39.15
N GLN D 113 5.10 -7.54 39.76
CA GLN D 113 4.96 -7.85 41.18
C GLN D 113 5.25 -6.64 42.06
N GLY D 114 6.05 -5.70 41.56
CA GLY D 114 6.27 -4.45 42.27
C GLY D 114 7.54 -4.50 43.10
N THR D 115 8.10 -3.31 43.35
CA THR D 115 9.25 -3.16 44.23
C THR D 115 8.94 -2.08 45.25
N THR D 116 9.36 -2.31 46.50
CA THR D 116 9.01 -1.44 47.61
C THR D 116 10.11 -0.42 47.85
N LEU D 117 9.74 0.86 47.90
CA LEU D 117 10.64 1.94 48.23
C LEU D 117 10.17 2.57 49.53
N THR D 118 11.08 2.71 50.49
CA THR D 118 10.77 3.33 51.77
C THR D 118 11.71 4.51 51.99
N VAL D 119 11.14 5.66 52.32
CA VAL D 119 11.89 6.88 52.57
C VAL D 119 11.81 7.20 54.05
N SER D 120 12.96 7.45 54.67
CA SER D 120 13.04 7.72 56.10
C SER D 120 12.40 9.05 56.47
N ASP D 137 -7.87 17.39 37.24
CA ASP D 137 -7.83 15.99 37.64
C ASP D 137 -9.23 15.48 37.97
N ILE D 138 -9.65 14.44 37.25
CA ILE D 138 -10.94 13.82 37.53
C ILE D 138 -10.87 13.07 38.85
N VAL D 139 -11.85 13.30 39.71
CA VAL D 139 -11.93 12.67 41.04
C VAL D 139 -12.83 11.45 40.94
N MET D 140 -12.27 10.28 41.24
CA MET D 140 -13.01 9.03 41.26
C MET D 140 -13.33 8.67 42.69
N THR D 141 -14.61 8.46 42.99
CA THR D 141 -15.08 8.27 44.36
C THR D 141 -15.66 6.87 44.53
N GLN D 142 -15.17 6.17 45.55
CA GLN D 142 -15.70 4.90 46.02
C GLN D 142 -16.02 5.09 47.50
N ALA D 143 -17.23 5.59 47.79
CA ALA D 143 -17.56 5.95 49.16
C ALA D 143 -17.54 4.74 50.09
N THR D 144 -18.06 3.61 49.62
CA THR D 144 -18.08 2.39 50.44
C THR D 144 -16.66 1.84 50.53
N SER D 145 -16.02 2.00 51.69
CA SER D 145 -14.66 1.51 51.84
C SER D 145 -14.60 -0.01 51.97
N SER D 146 -15.53 -0.60 52.71
CA SER D 146 -15.53 -2.04 52.93
C SER D 146 -16.95 -2.59 52.80
N VAL D 147 -17.04 -3.84 52.38
CA VAL D 147 -18.33 -4.53 52.21
C VAL D 147 -18.25 -5.94 52.76
N PRO D 148 -19.02 -6.28 53.79
CA PRO D 148 -19.06 -7.67 54.26
C PRO D 148 -19.85 -8.54 53.30
N VAL D 149 -19.25 -9.64 52.86
CA VAL D 149 -19.83 -10.50 51.84
C VAL D 149 -19.79 -11.95 52.30
N THR D 150 -20.63 -12.77 51.67
CA THR D 150 -20.67 -14.21 51.89
C THR D 150 -20.61 -14.91 50.54
N PRO D 151 -19.98 -16.09 50.49
CA PRO D 151 -19.83 -16.80 49.22
C PRO D 151 -21.17 -17.15 48.59
N GLY D 152 -21.21 -17.06 47.26
CA GLY D 152 -22.40 -17.41 46.50
C GLY D 152 -23.44 -16.32 46.40
N GLU D 153 -23.19 -15.14 46.97
CA GLU D 153 -24.16 -14.05 46.96
C GLU D 153 -23.67 -12.94 46.04
N SER D 154 -24.62 -12.25 45.41
CA SER D 154 -24.27 -11.21 44.45
C SER D 154 -23.90 -9.92 45.16
N VAL D 155 -22.82 -9.28 44.69
CA VAL D 155 -22.31 -8.06 45.28
C VAL D 155 -22.17 -7.01 44.19
N SER D 156 -22.52 -5.77 44.52
CA SER D 156 -22.36 -4.64 43.62
C SER D 156 -21.48 -3.58 44.27
N ILE D 157 -20.53 -3.06 43.48
CA ILE D 157 -19.61 -2.02 43.93
C ILE D 157 -19.82 -0.79 43.05
N SER D 158 -19.92 0.37 43.66
CA SER D 158 -20.23 1.60 42.95
C SER D 158 -19.01 2.51 42.87
N CYS D 159 -18.89 3.22 41.75
CA CYS D 159 -17.84 4.19 41.53
C CYS D 159 -18.47 5.44 40.91
N ARG D 160 -17.91 6.59 41.26
CA ARG D 160 -18.40 7.86 40.75
C ARG D 160 -17.23 8.70 40.26
N SER D 161 -17.51 9.58 39.30
CA SER D 161 -16.50 10.47 38.73
C SER D 161 -17.02 11.90 38.73
N SER D 162 -16.11 12.84 38.97
CA SER D 162 -16.48 14.25 38.96
C SER D 162 -16.85 14.71 37.55
N LYS D 163 -16.22 14.14 36.53
CA LYS D 163 -16.52 14.45 35.14
C LYS D 163 -17.11 13.22 34.47
N SER D 164 -17.85 13.45 33.39
CA SER D 164 -18.38 12.35 32.60
C SER D 164 -17.24 11.62 31.89
N LEU D 165 -17.16 10.31 32.11
CA LEU D 165 -16.14 9.48 31.48
C LEU D 165 -16.55 9.02 30.09
N LEU D 166 -17.75 9.35 29.65
CA LEU D 166 -18.19 9.02 28.30
C LEU D 166 -17.60 10.02 27.32
N HIS D 167 -16.82 9.53 26.38
CA HIS D 167 -16.21 10.37 25.36
C HIS D 167 -17.14 10.48 24.16
N SER D 168 -16.86 11.47 23.31
CA SER D 168 -17.69 11.66 22.12
C SER D 168 -17.56 10.52 21.12
N ASN D 169 -16.56 9.65 21.27
CA ASN D 169 -16.42 8.51 20.38
C ASN D 169 -17.20 7.28 20.83
N GLY D 170 -17.92 7.37 21.95
CA GLY D 170 -18.74 6.29 22.44
C GLY D 170 -18.09 5.46 23.53
N ASN D 171 -16.78 5.58 23.73
CA ASN D 171 -16.13 4.84 24.80
C ASN D 171 -16.34 5.53 26.14
N THR D 172 -16.47 4.72 27.19
CA THR D 172 -16.46 5.22 28.57
C THR D 172 -15.22 4.65 29.25
N TYR D 173 -14.22 5.49 29.45
CA TYR D 173 -12.89 5.04 29.86
C TYR D 173 -12.84 4.84 31.38
N LEU D 174 -13.51 3.79 31.82
CA LEU D 174 -13.50 3.39 33.22
C LEU D 174 -12.97 1.97 33.31
N TYR D 175 -12.07 1.74 34.26
CA TYR D 175 -11.41 0.45 34.42
C TYR D 175 -11.66 -0.05 35.84
N TRP D 176 -11.72 -1.38 35.98
CA TRP D 176 -11.85 -2.01 37.28
C TRP D 176 -10.68 -2.95 37.49
N PHE D 177 -10.07 -2.86 38.67
CA PHE D 177 -8.94 -3.69 39.05
C PHE D 177 -9.25 -4.40 40.35
N LEU D 178 -8.64 -5.57 40.52
CA LEU D 178 -8.77 -6.32 41.77
C LEU D 178 -7.37 -6.60 42.30
N GLN D 179 -7.11 -6.19 43.53
CA GLN D 179 -5.85 -6.48 44.19
C GLN D 179 -6.13 -7.40 45.35
N ARG D 180 -5.92 -8.70 45.13
CA ARG D 180 -6.06 -9.67 46.20
C ARG D 180 -4.93 -9.49 47.21
N PRO D 181 -5.16 -9.87 48.47
CA PRO D 181 -4.13 -9.65 49.50
C PRO D 181 -2.83 -10.35 49.17
N GLY D 182 -1.76 -9.56 49.12
CA GLY D 182 -0.44 -10.08 48.80
C GLY D 182 -0.11 -10.14 47.33
N GLN D 183 -1.05 -9.79 46.45
CA GLN D 183 -0.87 -9.91 45.02
C GLN D 183 -0.93 -8.54 44.35
N SER D 184 -0.40 -8.48 43.14
CA SER D 184 -0.48 -7.29 42.32
C SER D 184 -1.87 -7.14 41.74
N PRO D 185 -2.27 -5.92 41.38
CA PRO D 185 -3.60 -5.72 40.78
C PRO D 185 -3.73 -6.48 39.47
N GLN D 186 -4.96 -6.90 39.19
CA GLN D 186 -5.28 -7.56 37.94
C GLN D 186 -6.46 -6.84 37.30
N LEU D 187 -6.46 -6.74 35.98
CA LEU D 187 -7.54 -6.07 35.28
C LEU D 187 -8.78 -6.95 35.25
N LEU D 188 -9.93 -6.38 35.62
CA LEU D 188 -11.20 -7.06 35.53
C LEU D 188 -12.04 -6.53 34.38
N ILE D 189 -12.32 -5.23 34.37
CA ILE D 189 -13.20 -4.60 33.39
C ILE D 189 -12.46 -3.42 32.79
N TYR D 190 -12.41 -3.35 31.46
CA TYR D 190 -11.78 -2.24 30.76
C TYR D 190 -12.82 -1.52 29.91
N ARG D 191 -12.78 -0.20 29.94
CA ARG D 191 -13.78 0.66 29.29
C ARG D 191 -15.21 0.32 29.74
N MET D 192 -15.35 0.07 31.04
CA MET D 192 -16.59 0.12 31.80
C MET D 192 -17.52 -1.06 31.56
N SER D 193 -17.33 -1.81 30.47
CA SER D 193 -18.20 -2.94 30.21
C SER D 193 -17.48 -4.20 29.77
N ASN D 194 -16.31 -4.08 29.15
CA ASN D 194 -15.61 -5.21 28.57
C ASN D 194 -14.91 -6.04 29.64
N LEU D 195 -14.93 -7.34 29.46
CA LEU D 195 -14.35 -8.28 30.42
C LEU D 195 -12.95 -8.64 29.96
N ALA D 196 -11.98 -8.50 30.87
CA ALA D 196 -10.59 -8.77 30.52
C ALA D 196 -10.37 -10.26 30.30
N SER D 197 -9.36 -10.57 29.49
CA SER D 197 -9.04 -11.96 29.17
C SER D 197 -8.61 -12.71 30.42
N GLY D 198 -9.17 -13.91 30.59
CA GLY D 198 -8.89 -14.74 31.75
C GLY D 198 -9.73 -14.45 32.97
N VAL D 199 -10.74 -13.60 32.86
CA VAL D 199 -11.59 -13.21 33.99
C VAL D 199 -12.92 -13.94 33.84
N PRO D 200 -13.43 -14.57 34.90
CA PRO D 200 -14.70 -15.28 34.79
C PRO D 200 -15.85 -14.36 34.42
N ASP D 201 -16.83 -14.92 33.71
CA ASP D 201 -17.98 -14.17 33.20
C ASP D 201 -18.90 -13.68 34.30
N ARG D 202 -18.73 -14.14 35.54
CA ARG D 202 -19.59 -13.68 36.62
C ARG D 202 -19.42 -12.19 36.89
N PHE D 203 -18.22 -11.65 36.64
CA PHE D 203 -18.01 -10.22 36.73
C PHE D 203 -18.70 -9.50 35.57
N SER D 204 -19.39 -8.42 35.88
CA SER D 204 -20.06 -7.60 34.87
C SER D 204 -19.96 -6.14 35.26
N GLY D 205 -19.63 -5.30 34.29
CA GLY D 205 -19.50 -3.87 34.49
C GLY D 205 -20.67 -3.13 33.84
N SER D 206 -21.33 -2.30 34.63
CA SER D 206 -22.45 -1.50 34.16
C SER D 206 -22.24 -0.07 34.62
N GLY D 207 -22.58 0.89 33.75
CA GLY D 207 -22.43 2.28 34.13
C GLY D 207 -23.17 3.18 33.17
N SER D 208 -23.22 4.46 33.55
CA SER D 208 -23.75 5.51 32.69
C SER D 208 -23.20 6.84 33.18
N GLY D 209 -22.68 7.64 32.25
CA GLY D 209 -22.24 8.97 32.59
C GLY D 209 -21.15 9.01 33.64
N THR D 210 -21.51 9.38 34.86
CA THR D 210 -20.56 9.49 35.96
C THR D 210 -20.72 8.41 37.02
N ALA D 211 -21.74 7.56 36.93
CA ALA D 211 -22.01 6.54 37.93
C ALA D 211 -21.81 5.16 37.32
N PHE D 212 -21.02 4.33 37.99
CA PHE D 212 -20.67 3.02 37.47
C PHE D 212 -20.80 1.97 38.57
N THR D 213 -21.15 0.76 38.17
CA THR D 213 -21.36 -0.35 39.09
C THR D 213 -20.64 -1.58 38.56
N LEU D 214 -19.92 -2.27 39.45
CA LEU D 214 -19.31 -3.56 39.16
C LEU D 214 -20.09 -4.63 39.91
N THR D 215 -20.74 -5.52 39.16
CA THR D 215 -21.57 -6.57 39.74
C THR D 215 -20.82 -7.90 39.71
N ILE D 216 -20.78 -8.57 40.86
CA ILE D 216 -20.08 -9.84 41.03
C ILE D 216 -21.13 -10.89 41.40
N SER D 217 -21.58 -11.66 40.42
CA SER D 217 -22.56 -12.71 40.67
C SER D 217 -21.86 -13.96 41.18
N ARG D 218 -22.48 -14.62 42.18
CA ARG D 218 -21.96 -15.86 42.75
C ARG D 218 -20.53 -15.66 43.25
N LEU D 219 -20.40 -14.79 44.26
CA LEU D 219 -19.10 -14.46 44.82
C LEU D 219 -18.41 -15.70 45.35
N GLU D 220 -17.09 -15.75 45.17
CA GLU D 220 -16.25 -16.86 45.60
C GLU D 220 -15.13 -16.33 46.51
N ALA D 221 -14.36 -17.27 47.05
CA ALA D 221 -13.28 -16.90 47.96
C ALA D 221 -12.21 -16.07 47.26
N GLU D 222 -11.91 -16.40 46.00
CA GLU D 222 -10.87 -15.68 45.26
C GLU D 222 -11.23 -14.23 45.02
N ASP D 223 -12.52 -13.92 44.88
CA ASP D 223 -12.94 -12.55 44.59
C ASP D 223 -12.69 -11.60 45.76
N VAL D 224 -12.44 -12.12 46.96
CA VAL D 224 -12.16 -11.27 48.11
C VAL D 224 -10.92 -10.43 47.84
N GLY D 225 -11.03 -9.13 48.05
CA GLY D 225 -9.93 -8.23 47.84
C GLY D 225 -10.43 -6.80 47.74
N VAL D 226 -9.52 -5.92 47.34
CA VAL D 226 -9.83 -4.51 47.13
C VAL D 226 -10.08 -4.27 45.65
N TYR D 227 -11.12 -3.52 45.34
CA TYR D 227 -11.49 -3.21 43.97
C TYR D 227 -11.27 -1.72 43.72
N TYR D 228 -10.55 -1.41 42.65
CA TYR D 228 -10.24 -0.04 42.29
C TYR D 228 -10.87 0.29 40.94
N CYS D 229 -11.48 1.46 40.86
CA CYS D 229 -11.94 2.00 39.59
C CYS D 229 -11.01 3.12 39.15
N MET D 230 -10.56 3.04 37.91
CA MET D 230 -9.62 3.99 37.33
C MET D 230 -10.26 4.59 36.10
N GLN D 231 -10.02 5.88 35.89
CA GLN D 231 -10.45 6.56 34.67
C GLN D 231 -9.27 6.71 33.74
N HIS D 232 -9.51 6.50 32.46
CA HIS D 232 -8.49 6.71 31.44
C HIS D 232 -8.95 7.73 30.40
N LEU D 233 -9.86 8.62 30.79
CA LEU D 233 -10.34 9.64 29.87
C LEU D 233 -9.23 10.61 29.52
N GLU D 234 -8.41 10.98 30.49
CA GLU D 234 -7.35 11.95 30.27
C GLU D 234 -6.30 11.77 31.36
N TYR D 235 -5.13 12.34 31.11
CA TYR D 235 -4.08 12.32 32.11
C TYR D 235 -4.19 13.53 33.03
N PRO D 236 -3.89 13.37 34.32
CA PRO D 236 -3.38 12.18 34.99
C PRO D 236 -4.45 11.13 35.28
N LEU D 237 -4.11 9.85 35.12
CA LEU D 237 -5.03 8.78 35.44
C LEU D 237 -5.24 8.73 36.95
N THR D 238 -6.49 8.71 37.38
CA THR D 238 -6.80 8.74 38.80
C THR D 238 -7.59 7.49 39.20
N PHE D 239 -7.32 7.02 40.40
CA PHE D 239 -7.94 5.83 40.97
C PHE D 239 -8.94 6.24 42.04
N GLY D 240 -9.93 5.38 42.26
CA GLY D 240 -10.78 5.53 43.41
C GLY D 240 -10.08 5.08 44.67
N ALA D 241 -10.71 5.38 45.81
CA ALA D 241 -10.14 4.98 47.10
C ALA D 241 -10.00 3.47 47.19
N GLY D 242 -10.97 2.74 46.69
CA GLY D 242 -10.98 1.29 46.69
C GLY D 242 -12.03 0.78 47.65
N THR D 243 -12.72 -0.29 47.24
CA THR D 243 -13.72 -0.96 48.06
C THR D 243 -13.24 -2.36 48.40
N LYS D 244 -13.15 -2.66 49.68
CA LYS D 244 -12.65 -3.95 50.13
C LYS D 244 -13.81 -4.90 50.38
N LEU D 245 -13.66 -6.13 49.90
CA LEU D 245 -14.63 -7.19 50.18
C LEU D 245 -14.06 -8.12 51.23
N GLU D 246 -14.82 -8.35 52.29
CA GLU D 246 -14.40 -9.23 53.37
C GLU D 246 -15.51 -10.20 53.71
N LEU D 247 -15.13 -11.39 54.17
CA LEU D 247 -16.08 -12.43 54.53
C LEU D 247 -16.55 -12.27 55.97
N THR E 87 3.26 52.00 -27.48
CA THR E 87 3.05 51.96 -26.03
C THR E 87 2.19 50.77 -25.65
N ALA E 88 1.05 50.60 -26.34
CA ALA E 88 0.17 49.48 -26.08
C ALA E 88 0.81 48.14 -26.42
N VAL E 89 1.82 48.14 -27.31
CA VAL E 89 2.54 46.90 -27.62
C VAL E 89 3.28 46.38 -26.39
N LEU E 90 3.92 47.28 -25.65
CA LEU E 90 4.65 46.87 -24.45
C LEU E 90 3.70 46.31 -23.40
N ALA E 91 2.54 46.94 -23.23
CA ALA E 91 1.57 46.45 -22.25
C ALA E 91 1.06 45.06 -22.61
N ALA E 92 0.85 44.80 -23.90
CA ALA E 92 0.40 43.48 -24.33
C ALA E 92 1.46 42.41 -24.04
N LEU E 93 2.73 42.72 -24.31
CA LEU E 93 3.78 41.73 -24.08
C LEU E 93 3.92 41.39 -22.60
N MET E 94 3.88 42.42 -21.73
CA MET E 94 3.96 42.17 -20.30
C MET E 94 2.76 41.37 -19.81
N ALA E 95 1.56 41.69 -20.31
CA ALA E 95 0.39 40.91 -19.95
C ALA E 95 0.49 39.48 -20.46
N LEU E 96 1.04 39.28 -21.66
CA LEU E 96 1.22 37.93 -22.18
C LEU E 96 2.18 37.12 -21.31
N LEU E 97 3.24 37.76 -20.81
CA LEU E 97 4.16 37.08 -19.92
C LEU E 97 3.48 36.67 -18.62
N ILE E 98 2.59 37.51 -18.10
CA ILE E 98 1.84 37.16 -16.90
C ILE E 98 0.96 35.95 -17.17
N VAL E 99 0.26 35.95 -18.31
CA VAL E 99 -0.64 34.85 -18.63
C VAL E 99 0.13 33.55 -18.79
N ALA E 100 1.24 33.58 -19.51
CA ALA E 100 2.03 32.37 -19.74
C ALA E 100 2.63 31.84 -18.45
N THR E 101 3.16 32.72 -17.60
CA THR E 101 3.86 32.26 -16.40
C THR E 101 2.87 31.70 -15.37
N VAL E 102 1.71 32.33 -15.23
CA VAL E 102 0.77 31.93 -14.19
C VAL E 102 0.14 30.58 -14.50
N LEU E 103 -0.54 30.47 -15.65
CA LEU E 103 -1.21 29.22 -15.99
C LEU E 103 -0.22 28.14 -16.39
N GLY E 104 0.94 28.52 -16.92
CA GLY E 104 1.94 27.52 -17.26
C GLY E 104 2.44 26.75 -16.05
N ASN E 105 2.73 27.46 -14.96
CA ASN E 105 3.12 26.82 -13.72
C ASN E 105 1.93 26.39 -12.87
N ALA E 106 0.72 26.82 -13.22
CA ALA E 106 -0.46 26.31 -12.52
C ALA E 106 -0.83 24.91 -12.97
N LEU E 107 -0.60 24.58 -14.24
CA LEU E 107 -0.88 23.23 -14.71
C LEU E 107 0.00 22.21 -13.99
N VAL E 108 1.26 22.56 -13.75
CA VAL E 108 2.15 21.67 -13.03
C VAL E 108 1.64 21.45 -11.61
N MET E 109 1.20 22.52 -10.95
CA MET E 109 0.66 22.38 -9.60
C MET E 109 -0.67 21.63 -9.60
N LEU E 110 -1.52 21.90 -10.60
CA LEU E 110 -2.79 21.19 -10.69
C LEU E 110 -2.58 19.71 -11.00
N ALA E 111 -1.70 19.40 -11.95
CA ALA E 111 -1.42 18.01 -12.27
C ALA E 111 -0.71 17.28 -11.13
N PHE E 112 -0.04 18.02 -10.25
CA PHE E 112 0.57 17.39 -9.08
C PHE E 112 -0.51 16.90 -8.10
N VAL E 113 -1.53 17.73 -7.87
CA VAL E 113 -2.61 17.34 -6.97
C VAL E 113 -3.47 16.25 -7.59
N ALA E 114 -3.75 16.37 -8.90
CA ALA E 114 -4.69 15.45 -9.54
C ALA E 114 -4.20 14.02 -9.50
N ASP E 115 -2.91 13.80 -9.78
CA ASP E 115 -2.33 12.47 -9.81
C ASP E 115 -1.66 12.17 -8.47
N SER E 116 -1.99 11.02 -7.89
CA SER E 116 -1.43 10.60 -6.61
C SER E 116 -0.14 9.79 -6.76
N SER E 117 0.25 9.44 -7.98
CA SER E 117 1.48 8.70 -8.21
C SER E 117 2.70 9.60 -8.40
N LEU E 118 2.51 10.90 -8.55
CA LEU E 118 3.61 11.85 -8.72
C LEU E 118 4.16 12.27 -7.35
N ARG E 119 4.72 11.31 -6.63
CA ARG E 119 5.20 11.55 -5.28
C ARG E 119 6.67 11.17 -5.09
N THR E 120 7.44 11.13 -6.16
CA THR E 120 8.87 10.91 -6.04
C THR E 120 9.57 12.21 -5.67
N GLN E 121 10.83 12.11 -5.27
CA GLN E 121 11.59 13.29 -4.92
C GLN E 121 11.74 14.23 -6.11
N ASN E 122 11.95 13.66 -7.30
CA ASN E 122 12.09 14.50 -8.49
C ASN E 122 10.78 15.21 -8.80
N ASN E 123 9.64 14.54 -8.57
CA ASN E 123 8.36 15.18 -8.84
C ASN E 123 8.08 16.32 -7.88
N PHE E 124 8.53 16.20 -6.64
CA PHE E 124 8.40 17.32 -5.70
C PHE E 124 9.31 18.48 -6.09
N PHE E 125 10.49 18.20 -6.63
CA PHE E 125 11.39 19.27 -7.02
C PHE E 125 10.86 20.05 -8.20
N LEU E 126 10.21 19.37 -9.15
CA LEU E 126 9.57 20.08 -10.24
C LEU E 126 8.42 20.94 -9.76
N LEU E 127 7.66 20.45 -8.76
CA LEU E 127 6.61 21.27 -8.16
C LEU E 127 7.20 22.51 -7.48
N ASN E 128 8.30 22.35 -6.75
CA ASN E 128 8.91 23.48 -6.08
C ASN E 128 9.35 24.53 -7.09
N LEU E 129 9.92 24.10 -8.20
CA LEU E 129 10.31 25.04 -9.24
C LEU E 129 9.09 25.70 -9.87
N ALA E 130 7.99 24.97 -10.00
CA ALA E 130 6.79 25.55 -10.59
C ALA E 130 6.15 26.56 -9.66
N ILE E 131 6.14 26.28 -8.35
CA ILE E 131 5.58 27.22 -7.39
C ILE E 131 6.41 28.50 -7.35
N SER E 132 7.74 28.36 -7.37
CA SER E 132 8.61 29.53 -7.34
C SER E 132 8.39 30.41 -8.56
N ASP E 133 8.23 29.81 -9.73
CA ASP E 133 7.99 30.59 -10.94
C ASP E 133 6.55 31.10 -11.01
N PHE E 134 5.59 30.36 -10.45
CA PHE E 134 4.21 30.82 -10.47
C PHE E 134 4.03 32.11 -9.68
N LEU E 135 4.65 32.20 -8.50
CA LEU E 135 4.54 33.42 -7.71
C LEU E 135 5.26 34.60 -8.35
N VAL E 136 6.24 34.35 -9.22
CA VAL E 136 6.87 35.44 -9.95
C VAL E 136 5.87 36.08 -10.91
N GLY E 137 5.15 35.26 -11.67
CA GLY E 137 4.18 35.77 -12.62
C GLY E 137 2.87 36.22 -12.02
N ALA E 138 2.60 35.85 -10.76
CA ALA E 138 1.35 36.24 -10.12
C ALA E 138 1.50 37.44 -9.20
N PHE E 139 2.67 37.64 -8.61
CA PHE E 139 2.88 38.75 -7.67
C PHE E 139 3.92 39.74 -8.15
N CYS E 140 5.13 39.28 -8.48
CA CYS E 140 6.22 40.22 -8.78
C CYS E 140 5.97 40.96 -10.09
N ILE E 141 5.67 40.24 -11.15
CA ILE E 141 5.48 40.84 -12.47
C ILE E 141 4.25 41.75 -12.47
N PRO E 142 3.08 41.32 -11.98
CA PRO E 142 1.93 42.24 -12.01
C PRO E 142 2.14 43.51 -11.20
N LEU E 143 2.85 43.43 -10.08
CA LEU E 143 3.09 44.59 -9.25
C LEU E 143 4.13 45.54 -9.83
N TYR E 144 4.99 45.05 -10.73
CA TYR E 144 6.03 45.86 -11.34
C TYR E 144 5.57 46.57 -12.60
N VAL E 145 4.38 46.24 -13.10
CA VAL E 145 3.88 46.89 -14.32
C VAL E 145 3.73 48.40 -14.15
N PRO E 146 3.14 48.92 -13.07
CA PRO E 146 3.08 50.39 -12.94
C PRO E 146 4.46 51.05 -12.91
N TYR E 147 5.47 50.38 -12.37
CA TYR E 147 6.80 50.96 -12.34
C TYR E 147 7.35 51.19 -13.74
N VAL E 148 6.88 50.44 -14.73
CA VAL E 148 7.33 50.59 -16.11
C VAL E 148 6.47 51.58 -16.87
N LEU E 149 5.15 51.42 -16.81
CA LEU E 149 4.26 52.29 -17.56
C LEU E 149 4.32 53.73 -17.07
N THR E 150 4.35 53.92 -15.75
CA THR E 150 4.39 55.26 -15.19
C THR E 150 5.80 55.80 -15.01
N GLY E 151 6.76 54.92 -14.71
CA GLY E 151 8.12 55.33 -14.47
C GLY E 151 8.46 55.63 -13.03
N ARG E 152 7.47 55.65 -12.13
CA ARG E 152 7.71 55.89 -10.73
C ARG E 152 6.92 54.89 -9.89
N TRP E 153 7.48 54.53 -8.75
CA TRP E 153 6.83 53.60 -7.83
C TRP E 153 5.84 54.36 -6.96
N THR E 154 4.56 54.04 -7.09
CA THR E 154 3.50 54.74 -6.37
C THR E 154 2.85 53.90 -5.29
N PHE E 155 3.46 52.77 -4.92
CA PHE E 155 2.90 51.90 -3.89
C PHE E 155 3.51 52.14 -2.52
N GLY E 156 4.41 53.10 -2.38
CA GLY E 156 4.92 53.41 -1.07
C GLY E 156 6.25 52.72 -0.78
N ARG E 157 7.05 53.35 0.08
CA ARG E 157 8.33 52.77 0.45
C ARG E 157 8.16 51.48 1.23
N GLY E 158 7.16 51.42 2.11
CA GLY E 158 6.95 50.22 2.92
C GLY E 158 6.63 49.00 2.07
N LEU E 159 5.80 49.19 1.04
CA LEU E 159 5.47 48.07 0.15
C LEU E 159 6.63 47.74 -0.78
N CYS E 160 7.52 48.68 -1.04
CA CYS E 160 8.67 48.40 -1.91
C CYS E 160 9.59 47.37 -1.28
N LYS E 161 9.81 47.47 0.02
CA LYS E 161 10.68 46.49 0.69
C LYS E 161 10.07 45.09 0.63
N LEU E 162 8.75 44.99 0.72
CA LEU E 162 8.11 43.68 0.54
C LEU E 162 8.35 43.14 -0.85
N TRP E 163 8.22 43.99 -1.87
CA TRP E 163 8.40 43.54 -3.25
C TRP E 163 9.85 43.14 -3.50
N LEU E 164 10.81 43.91 -2.99
CA LEU E 164 12.21 43.57 -3.22
C LEU E 164 12.58 42.24 -2.58
N VAL E 165 12.09 42.00 -1.36
CA VAL E 165 12.39 40.73 -0.68
C VAL E 165 11.77 39.57 -1.43
N VAL E 166 10.50 39.71 -1.84
CA VAL E 166 9.82 38.64 -2.55
C VAL E 166 10.46 38.39 -3.91
N ASP E 167 10.76 39.46 -4.64
CA ASP E 167 11.32 39.30 -5.99
C ASP E 167 12.67 38.61 -5.96
N TYR E 168 13.55 39.02 -5.04
CA TYR E 168 14.85 38.37 -4.93
C TYR E 168 14.71 36.95 -4.40
N LEU E 169 13.77 36.73 -3.47
CA LEU E 169 13.57 35.38 -2.94
C LEU E 169 13.08 34.42 -4.00
N LEU E 170 12.10 34.84 -4.81
CA LEU E 170 11.52 33.94 -5.80
C LEU E 170 12.51 33.63 -6.93
N CYS E 171 13.22 34.64 -7.44
CA CYS E 171 14.18 34.40 -8.51
C CYS E 171 15.33 33.52 -8.03
N THR E 172 15.83 33.78 -6.82
CA THR E 172 16.92 32.96 -6.29
C THR E 172 16.47 31.52 -6.05
N SER E 173 15.26 31.34 -5.53
CA SER E 173 14.77 29.98 -5.31
C SER E 173 14.57 29.25 -6.63
N SER E 174 14.23 29.96 -7.71
CA SER E 174 14.13 29.33 -9.01
C SER E 174 15.48 28.79 -9.47
N ALA E 175 16.55 29.56 -9.23
CA ALA E 175 17.88 29.11 -9.60
C ALA E 175 18.35 27.98 -8.70
N PHE E 176 17.95 28.00 -7.43
CA PHE E 176 18.36 26.93 -6.52
C PHE E 176 17.61 25.63 -6.80
N ASN E 177 16.36 25.72 -7.27
CA ASN E 177 15.65 24.51 -7.65
C ASN E 177 16.28 23.84 -8.86
N ILE E 178 16.83 24.63 -9.79
CA ILE E 178 17.49 24.07 -10.96
C ILE E 178 18.72 23.27 -10.56
N VAL E 179 19.49 23.78 -9.60
CA VAL E 179 20.62 23.02 -9.07
C VAL E 179 20.14 21.75 -8.37
N LEU E 180 19.04 21.87 -7.62
CA LEU E 180 18.49 20.71 -6.93
C LEU E 180 18.01 19.64 -7.91
N ILE E 181 17.37 20.06 -9.01
CA ILE E 181 16.91 19.11 -10.01
C ILE E 181 18.09 18.46 -10.73
N SER E 182 19.09 19.26 -11.11
CA SER E 182 20.25 18.70 -11.80
C SER E 182 21.03 17.76 -10.90
N TYR E 183 21.14 18.10 -9.61
CA TYR E 183 21.81 17.20 -8.67
C TYR E 183 21.03 15.91 -8.53
N ASP E 184 19.70 16.01 -8.54
CA ASP E 184 18.87 14.82 -8.47
C ASP E 184 19.09 13.91 -9.69
N ARG E 185 19.19 14.51 -10.87
CA ARG E 185 19.49 13.73 -12.07
C ARG E 185 20.92 13.20 -12.09
N PHE E 186 21.83 13.86 -11.39
CA PHE E 186 23.19 13.35 -11.25
C PHE E 186 23.21 12.06 -10.45
N LEU E 187 22.39 11.97 -9.41
CA LEU E 187 22.33 10.78 -8.58
C LEU E 187 21.57 9.63 -9.22
N SER E 188 20.74 9.91 -10.23
CA SER E 188 20.06 8.82 -10.92
C SER E 188 21.02 7.99 -11.75
N VAL E 189 22.16 8.56 -12.15
CA VAL E 189 23.11 7.87 -12.98
C VAL E 189 24.36 7.44 -12.20
N THR E 190 24.71 8.14 -11.13
CA THR E 190 25.89 7.81 -10.35
C THR E 190 25.55 6.83 -9.22
N ARG E 191 24.66 7.24 -8.32
CA ARG E 191 24.18 6.36 -7.25
C ARG E 191 22.83 5.78 -7.66
N ALA E 192 22.89 4.94 -8.70
CA ALA E 192 21.66 4.47 -9.34
C ALA E 192 20.86 3.54 -8.43
N VAL E 193 21.54 2.66 -7.69
CA VAL E 193 20.83 1.71 -6.85
C VAL E 193 20.16 2.43 -5.69
N SER E 194 20.89 3.34 -5.05
CA SER E 194 20.32 4.09 -3.94
C SER E 194 19.28 5.11 -4.41
N TYR E 195 19.40 5.60 -5.65
CA TYR E 195 18.42 6.53 -6.17
C TYR E 195 17.04 5.88 -6.26
N ARG E 196 16.99 4.64 -6.74
CA ARG E 196 15.70 3.96 -6.88
C ARG E 196 15.10 3.64 -5.52
N ALA E 197 15.94 3.32 -4.53
CA ALA E 197 15.44 3.02 -3.20
C ALA E 197 14.90 4.28 -2.51
N GLN E 198 15.68 5.36 -2.55
CA GLN E 198 15.30 6.59 -1.87
C GLN E 198 14.22 7.36 -2.64
N GLN E 199 14.02 7.05 -3.91
CA GLN E 199 12.94 7.68 -4.66
C GLN E 199 11.60 7.36 -4.02
N GLY E 200 10.73 8.35 -3.95
CA GLY E 200 9.42 8.17 -3.35
C GLY E 200 9.33 8.50 -1.88
N ASP E 201 10.45 8.84 -1.24
CA ASP E 201 10.45 9.25 0.18
C ASP E 201 10.13 10.74 0.24
N THR E 202 8.89 11.07 0.60
CA THR E 202 8.48 12.47 0.63
C THR E 202 9.17 13.23 1.75
N ARG E 203 9.56 12.55 2.82
CA ARG E 203 10.25 13.23 3.91
C ARG E 203 11.58 13.80 3.44
N ARG E 204 12.32 13.04 2.63
CA ARG E 204 13.56 13.55 2.06
C ARG E 204 13.30 14.70 1.10
N ALA E 205 12.25 14.60 0.29
CA ALA E 205 11.97 15.66 -0.67
C ALA E 205 11.60 16.97 0.03
N VAL E 206 10.73 16.89 1.04
CA VAL E 206 10.30 18.10 1.73
C VAL E 206 11.47 18.77 2.44
N ARG E 207 12.36 17.96 3.01
CA ARG E 207 13.54 18.52 3.68
C ARG E 207 14.40 19.30 2.70
N LYS E 208 14.59 18.77 1.49
CA LYS E 208 15.40 19.46 0.49
C LYS E 208 14.66 20.67 -0.05
N MET E 209 13.35 20.59 -0.20
CA MET E 209 12.56 21.72 -0.67
C MET E 209 12.62 22.88 0.31
N LEU E 210 12.49 22.62 1.61
CA LEU E 210 12.55 23.68 2.60
C LEU E 210 13.94 24.31 2.65
N LEU E 211 14.99 23.50 2.49
CA LEU E 211 16.34 24.04 2.47
C LEU E 211 16.55 25.03 1.33
N VAL E 212 15.90 24.80 0.20
CA VAL E 212 16.04 25.71 -0.94
C VAL E 212 15.44 27.08 -0.61
N TRP E 213 14.22 27.10 -0.09
CA TRP E 213 13.57 28.37 0.21
C TRP E 213 14.27 29.13 1.33
N VAL E 214 14.70 28.41 2.37
CA VAL E 214 15.36 29.06 3.49
C VAL E 214 16.69 29.68 3.04
N LEU E 215 17.49 28.93 2.28
CA LEU E 215 18.76 29.47 1.82
C LEU E 215 18.57 30.58 0.80
N ALA E 216 17.49 30.52 0.00
CA ALA E 216 17.19 31.60 -0.92
C ALA E 216 16.86 32.90 -0.18
N PHE E 217 16.10 32.80 0.91
CA PHE E 217 15.74 34.00 1.67
C PHE E 217 16.97 34.64 2.31
N LEU E 218 17.87 33.83 2.88
CA LEU E 218 18.99 34.40 3.62
C LEU E 218 20.02 35.07 2.72
N LEU E 219 19.98 34.81 1.41
CA LEU E 219 20.98 35.39 0.52
C LEU E 219 20.71 36.88 0.28
N TYR E 220 19.44 37.25 0.08
CA TYR E 220 19.09 38.63 -0.21
C TYR E 220 18.08 39.25 0.73
N GLY E 221 17.31 38.45 1.48
CA GLY E 221 16.29 38.95 2.35
C GLY E 221 16.81 39.91 3.39
N PRO E 222 17.63 39.42 4.32
CA PRO E 222 18.19 40.31 5.34
C PRO E 222 19.00 41.46 4.77
N ALA E 223 19.73 41.22 3.68
CA ALA E 223 20.56 42.28 3.11
C ALA E 223 19.71 43.44 2.59
N ILE E 224 18.57 43.15 1.98
CA ILE E 224 17.71 44.22 1.47
C ILE E 224 17.13 45.03 2.62
N LEU E 225 16.64 44.34 3.66
CA LEU E 225 15.94 45.02 4.74
C LEU E 225 16.91 45.77 5.66
N SER E 226 18.05 45.16 5.98
CA SER E 226 18.94 45.71 6.99
C SER E 226 20.02 46.63 6.42
N TRP E 227 20.02 46.87 5.11
CA TRP E 227 21.04 47.75 4.54
C TRP E 227 20.80 49.20 4.94
N GLU E 228 19.55 49.64 4.88
CA GLU E 228 19.24 51.03 5.21
C GLU E 228 19.49 51.32 6.69
N TYR E 229 19.10 50.39 7.56
CA TYR E 229 19.20 50.60 9.00
C TYR E 229 20.63 50.50 9.53
N LEU E 230 21.58 50.00 8.73
CA LEU E 230 22.95 49.86 9.17
C LEU E 230 23.93 50.76 8.43
N SER E 231 23.57 51.24 7.24
CA SER E 231 24.42 52.15 6.49
C SER E 231 24.08 53.62 6.74
N GLY E 232 23.10 53.90 7.59
CA GLY E 232 22.70 55.26 7.85
C GLY E 232 21.37 55.60 7.20
N GLY E 233 21.41 56.43 6.16
CA GLY E 233 20.23 56.79 5.41
C GLY E 233 20.01 55.90 4.21
N SER E 234 19.01 56.26 3.42
CA SER E 234 18.67 55.55 2.19
C SER E 234 18.96 56.44 1.00
N SER E 235 19.71 55.92 0.04
CA SER E 235 20.09 56.65 -1.15
C SER E 235 19.08 56.53 -2.29
N ILE E 236 17.97 55.83 -2.06
CA ILE E 236 16.96 55.64 -3.10
C ILE E 236 16.10 56.88 -3.22
N PRO E 237 16.02 57.50 -4.39
CA PRO E 237 15.14 58.66 -4.56
C PRO E 237 13.67 58.27 -4.43
N GLU E 238 12.85 59.24 -4.05
CA GLU E 238 11.42 59.00 -3.92
C GLU E 238 10.82 58.64 -5.27
N GLY E 239 9.94 57.64 -5.26
CA GLY E 239 9.32 57.15 -6.48
C GLY E 239 10.04 56.02 -7.16
N HIS E 240 11.24 55.66 -6.69
CA HIS E 240 12.01 54.56 -7.24
C HIS E 240 12.06 53.42 -6.25
N CYS E 241 12.00 52.19 -6.76
CA CYS E 241 11.98 50.98 -5.94
C CYS E 241 13.03 50.01 -6.48
N TYR E 242 14.20 49.98 -5.86
CA TYR E 242 15.22 48.99 -6.18
C TYR E 242 16.05 48.75 -4.93
N ALA E 243 16.91 47.74 -4.99
CA ALA E 243 17.68 47.33 -3.82
C ALA E 243 18.66 48.42 -3.40
N GLU E 244 18.94 48.44 -2.09
CA GLU E 244 19.91 49.40 -1.56
C GLU E 244 21.30 49.17 -2.10
N PHE E 245 21.65 47.92 -2.43
CA PHE E 245 22.95 47.59 -2.98
C PHE E 245 22.95 47.63 -4.51
N PHE E 246 22.08 48.43 -5.11
CA PHE E 246 21.95 48.46 -6.56
C PHE E 246 23.26 48.90 -7.22
N TYR E 247 23.92 49.91 -6.66
CA TYR E 247 25.17 50.42 -7.20
C TYR E 247 26.39 49.91 -6.45
N ASN E 248 26.20 49.01 -5.49
CA ASN E 248 27.34 48.44 -4.78
C ASN E 248 28.10 47.50 -5.70
N TRP E 249 29.43 47.50 -5.57
CA TRP E 249 30.30 46.69 -6.42
C TRP E 249 30.77 45.41 -5.74
N TYR E 250 31.11 45.48 -4.45
CA TYR E 250 31.64 44.31 -3.76
C TYR E 250 30.55 43.31 -3.42
N PHE E 251 29.36 43.79 -3.07
CA PHE E 251 28.30 42.88 -2.64
C PHE E 251 27.69 42.13 -3.82
N LEU E 252 27.54 42.80 -4.96
CA LEU E 252 26.89 42.16 -6.10
C LEU E 252 27.69 40.97 -6.60
N ILE E 253 29.01 41.12 -6.71
CA ILE E 253 29.84 40.01 -7.18
C ILE E 253 29.86 38.89 -6.16
N THR E 254 29.89 39.23 -4.87
CA THR E 254 29.86 38.21 -3.83
C THR E 254 28.53 37.47 -3.82
N ALA E 255 27.42 38.20 -3.93
CA ALA E 255 26.10 37.56 -3.89
C ALA E 255 25.85 36.76 -5.16
N SER E 256 26.25 37.30 -6.33
CA SER E 256 26.00 36.59 -7.57
C SER E 256 26.80 35.30 -7.67
N THR E 257 27.97 35.25 -7.00
CA THR E 257 28.76 34.02 -7.00
C THR E 257 27.99 32.87 -6.37
N LEU E 258 27.31 33.13 -5.25
CA LEU E 258 26.47 32.10 -4.63
C LEU E 258 25.10 31.99 -5.28
N GLU E 259 24.74 32.91 -6.17
CA GLU E 259 23.43 32.91 -6.79
C GLU E 259 23.44 32.39 -8.22
N PHE E 260 24.44 32.75 -9.01
CA PHE E 260 24.47 32.28 -10.39
C PHE E 260 25.76 31.58 -10.78
N PHE E 261 26.91 32.09 -10.34
CA PHE E 261 28.18 31.53 -10.81
C PHE E 261 28.37 30.10 -10.32
N THR E 262 28.21 29.87 -9.01
CA THR E 262 28.28 28.51 -8.51
C THR E 262 27.14 27.64 -9.05
N PRO E 263 25.88 28.08 -9.03
CA PRO E 263 24.82 27.25 -9.63
C PRO E 263 25.06 26.91 -11.10
N PHE E 264 25.59 27.84 -11.89
CA PHE E 264 25.80 27.56 -13.31
C PHE E 264 26.88 26.51 -13.51
N LEU E 265 27.95 26.57 -12.72
CA LEU E 265 29.00 25.57 -12.82
C LEU E 265 28.54 24.22 -12.28
N SER E 266 27.71 24.23 -11.24
CA SER E 266 27.15 22.98 -10.74
C SER E 266 26.23 22.33 -11.78
N VAL E 267 25.38 23.14 -12.43
CA VAL E 267 24.49 22.60 -13.45
C VAL E 267 25.29 22.10 -14.65
N THR E 268 26.31 22.85 -15.06
CA THR E 268 27.15 22.42 -16.17
C THR E 268 27.89 21.13 -15.84
N PHE E 269 28.46 21.04 -14.64
CA PHE E 269 29.17 19.82 -14.26
C PHE E 269 28.21 18.63 -14.15
N PHE E 270 27.06 18.83 -13.54
CA PHE E 270 26.11 17.73 -13.38
C PHE E 270 25.57 17.25 -14.73
N ASN E 271 25.25 18.18 -15.62
CA ASN E 271 24.73 17.80 -16.93
C ASN E 271 25.81 17.36 -17.89
N LEU E 272 27.08 17.48 -17.53
CA LEU E 272 28.17 16.93 -18.33
C LEU E 272 28.54 15.53 -17.88
N SER E 273 28.53 15.28 -16.57
CA SER E 273 28.79 13.94 -16.06
C SER E 273 27.69 12.97 -16.49
N ILE E 274 26.45 13.44 -16.55
CA ILE E 274 25.36 12.59 -17.02
C ILE E 274 25.59 12.21 -18.47
N TYR E 275 25.98 13.17 -19.31
CA TYR E 275 26.24 12.86 -20.71
C TYR E 275 27.41 11.90 -20.87
N LEU E 276 28.48 12.11 -20.10
CA LEU E 276 29.64 11.23 -20.21
C LEU E 276 29.30 9.80 -19.81
N ASN E 277 28.53 9.64 -18.73
CA ASN E 277 28.15 8.30 -18.29
C ASN E 277 27.25 7.62 -19.32
N ILE E 278 26.30 8.35 -19.90
CA ILE E 278 25.39 7.76 -20.88
C ILE E 278 26.17 7.30 -22.11
N GLN E 279 27.09 8.14 -22.60
CA GLN E 279 27.90 7.75 -23.74
C GLN E 279 28.81 6.57 -23.40
N ARG E 280 29.42 6.60 -22.22
CA ARG E 280 30.28 5.48 -21.82
C ARG E 280 29.49 4.20 -21.67
N ARG E 281 28.30 4.27 -21.07
CA ARG E 281 27.49 3.07 -20.87
C ARG E 281 27.06 2.49 -22.21
N THR E 282 26.67 3.34 -23.16
CA THR E 282 26.27 2.84 -24.47
C THR E 282 27.44 2.24 -25.22
N ARG E 283 28.65 2.77 -25.00
CA ARG E 283 29.83 2.23 -25.67
C ARG E 283 30.07 0.78 -25.26
N LEU E 284 29.93 0.48 -23.96
CA LEU E 284 30.11 -0.90 -23.50
C LEU E 284 28.99 -1.79 -24.01
N ARG E 285 27.78 -1.27 -24.14
CA ARG E 285 26.67 -2.07 -24.63
C ARG E 285 26.90 -2.51 -26.07
N LEU E 286 27.38 -1.60 -26.92
CA LEU E 286 27.65 -1.95 -28.31
C LEU E 286 28.77 -2.98 -28.41
N ASP E 287 29.83 -2.82 -27.61
CA ASP E 287 30.91 -3.79 -27.64
C ASP E 287 30.45 -5.15 -27.10
N GLY E 288 29.66 -5.14 -26.03
CA GLY E 288 29.18 -6.39 -25.46
C GLY E 288 28.24 -7.13 -26.38
N ALA E 289 27.34 -6.42 -27.05
CA ALA E 289 26.38 -7.04 -27.95
C ALA E 289 27.07 -7.55 -29.22
N SER E 396 21.73 -3.42 -34.55
CA SER E 396 20.45 -3.58 -35.23
C SER E 396 19.54 -2.39 -34.94
N PHE E 397 18.22 -2.64 -34.99
CA PHE E 397 17.26 -1.58 -34.69
C PHE E 397 17.39 -1.11 -33.24
N THR E 398 17.61 -2.05 -32.32
CA THR E 398 17.74 -1.68 -30.91
C THR E 398 18.96 -0.80 -30.68
N GLN E 399 20.09 -1.15 -31.28
CA GLN E 399 21.29 -0.33 -31.12
C GLN E 399 21.10 1.05 -31.75
N ARG E 400 20.47 1.11 -32.92
CA ARG E 400 20.21 2.40 -33.55
C ARG E 400 19.25 3.23 -32.71
N PHE E 401 18.22 2.58 -32.15
CA PHE E 401 17.28 3.32 -31.30
C PHE E 401 17.98 3.85 -30.04
N ARG E 402 18.85 3.04 -29.44
CA ARG E 402 19.56 3.48 -28.24
C ARG E 402 20.48 4.66 -28.54
N LEU E 403 21.19 4.61 -29.67
CA LEU E 403 22.05 5.73 -30.04
C LEU E 403 21.24 6.99 -30.30
N SER E 404 20.09 6.86 -30.97
CA SER E 404 19.26 8.02 -31.22
C SER E 404 18.72 8.61 -29.91
N ARG E 405 18.35 7.76 -28.97
CA ARG E 405 17.85 8.24 -27.68
C ARG E 405 18.93 9.00 -26.92
N ASP E 406 20.18 8.51 -26.98
CA ASP E 406 21.28 9.21 -26.30
C ASP E 406 21.51 10.59 -26.90
N ARG E 407 21.42 10.71 -28.23
CA ARG E 407 21.57 12.02 -28.86
C ARG E 407 20.45 12.95 -28.46
N LYS E 408 19.24 12.42 -28.30
CA LYS E 408 18.14 13.25 -27.81
C LYS E 408 18.41 13.77 -26.40
N VAL E 409 18.97 12.92 -25.55
CA VAL E 409 19.34 13.37 -24.21
C VAL E 409 20.47 14.39 -24.27
N ALA E 410 21.40 14.19 -25.20
CA ALA E 410 22.52 15.13 -25.32
C ALA E 410 22.01 16.52 -25.67
N LYS E 411 21.05 16.61 -26.59
CA LYS E 411 20.44 17.90 -26.90
C LYS E 411 19.61 18.42 -25.73
N SER E 412 18.94 17.52 -25.01
CA SER E 412 18.14 17.92 -23.86
C SER E 412 19.00 18.54 -22.77
N LEU E 413 20.17 17.97 -22.51
CA LEU E 413 21.05 18.52 -21.49
C LEU E 413 21.66 19.85 -21.93
N ALA E 414 21.94 20.01 -23.22
CA ALA E 414 22.55 21.26 -23.70
C ALA E 414 21.57 22.43 -23.60
N VAL E 415 20.29 22.20 -23.91
CA VAL E 415 19.31 23.27 -23.82
C VAL E 415 19.15 23.73 -22.38
N ILE E 416 19.17 22.79 -21.43
CA ILE E 416 18.97 23.12 -20.03
C ILE E 416 20.08 24.04 -19.53
N VAL E 417 21.33 23.74 -19.88
CA VAL E 417 22.44 24.60 -19.47
C VAL E 417 22.39 25.94 -20.20
N SER E 418 22.05 25.91 -21.49
CA SER E 418 22.07 27.14 -22.28
C SER E 418 20.97 28.10 -21.85
N ILE E 419 19.74 27.60 -21.70
CA ILE E 419 18.62 28.48 -21.35
C ILE E 419 18.84 29.13 -19.99
N PHE E 420 19.31 28.34 -19.02
CA PHE E 420 19.59 28.89 -17.70
C PHE E 420 20.69 29.95 -17.78
N GLY E 421 21.75 29.69 -18.55
CA GLY E 421 22.78 30.68 -18.75
C GLY E 421 22.31 31.89 -19.55
N LEU E 422 21.51 31.65 -20.59
CA LEU E 422 21.11 32.74 -21.48
C LEU E 422 20.24 33.76 -20.75
N CYS E 423 19.34 33.29 -19.89
CA CYS E 423 18.45 34.21 -19.19
C CYS E 423 19.13 34.95 -18.05
N TRP E 424 20.05 34.30 -17.34
CA TRP E 424 20.60 34.83 -16.10
C TRP E 424 21.93 35.55 -16.27
N ALA E 425 22.78 35.12 -17.19
CA ALA E 425 24.10 35.73 -17.33
C ALA E 425 24.06 37.21 -17.70
N PRO E 426 23.24 37.67 -18.65
CA PRO E 426 23.28 39.10 -19.00
C PRO E 426 23.01 40.02 -17.81
N TYR E 427 21.93 39.79 -17.08
CA TYR E 427 21.60 40.65 -15.95
C TYR E 427 22.66 40.57 -14.86
N THR E 428 23.17 39.37 -14.58
CA THR E 428 24.20 39.22 -13.55
C THR E 428 25.46 39.98 -13.94
N LEU E 429 25.87 39.87 -15.20
CA LEU E 429 27.05 40.60 -15.65
C LEU E 429 26.82 42.10 -15.65
N LEU E 430 25.62 42.53 -16.08
CA LEU E 430 25.33 43.96 -16.14
C LEU E 430 25.35 44.59 -14.76
N MET E 431 24.84 43.88 -13.75
CA MET E 431 24.84 44.43 -12.39
C MET E 431 26.26 44.74 -11.92
N ILE E 432 27.20 43.83 -12.18
CA ILE E 432 28.58 44.06 -11.77
C ILE E 432 29.21 45.16 -12.62
N ILE E 433 28.96 45.13 -13.93
CA ILE E 433 29.56 46.12 -14.83
C ILE E 433 28.99 47.51 -14.54
N ARG E 434 27.67 47.61 -14.44
CA ARG E 434 27.04 48.91 -14.21
C ARG E 434 27.40 49.48 -12.84
N ALA E 435 27.69 48.60 -11.87
CA ALA E 435 28.05 49.09 -10.54
C ALA E 435 29.36 49.87 -10.56
N ALA E 436 30.35 49.41 -11.33
CA ALA E 436 31.64 50.09 -11.38
C ALA E 436 31.51 51.50 -11.97
N CYS E 437 30.75 51.64 -13.05
CA CYS E 437 30.60 52.92 -13.73
C CYS E 437 29.35 53.68 -13.34
N HIS E 438 28.55 53.15 -12.41
CA HIS E 438 27.36 53.83 -11.88
C HIS E 438 26.38 54.21 -13.00
N GLY E 439 26.23 53.33 -13.98
CA GLY E 439 25.28 53.53 -15.04
C GLY E 439 25.75 54.39 -16.20
N HIS E 440 26.97 54.94 -16.12
CA HIS E 440 27.47 55.77 -17.21
C HIS E 440 27.82 54.93 -18.43
N CYS E 441 28.41 53.76 -18.22
CA CYS E 441 28.88 52.91 -19.30
C CYS E 441 27.83 51.95 -19.82
N VAL E 442 26.67 51.88 -19.19
CA VAL E 442 25.60 50.96 -19.58
C VAL E 442 24.40 51.78 -20.00
N PRO E 443 23.87 51.57 -21.21
CA PRO E 443 22.64 52.26 -21.60
C PRO E 443 21.48 51.88 -20.70
N ASP E 444 20.58 52.85 -20.49
CA ASP E 444 19.46 52.64 -19.58
C ASP E 444 18.54 51.54 -20.08
N TYR E 445 18.28 51.50 -21.39
CA TYR E 445 17.37 50.50 -21.94
C TYR E 445 17.97 49.11 -21.94
N TRP E 446 19.30 48.99 -21.84
CA TRP E 446 19.91 47.67 -21.71
C TRP E 446 19.59 47.05 -20.36
N TYR E 447 19.55 47.86 -19.30
CA TYR E 447 19.25 47.33 -17.97
C TYR E 447 17.86 46.71 -17.91
N GLU E 448 16.86 47.39 -18.48
CA GLU E 448 15.50 46.87 -18.45
C GLU E 448 15.37 45.60 -19.29
N THR E 449 16.07 45.54 -20.41
CA THR E 449 16.00 44.34 -21.25
C THR E 449 16.55 43.12 -20.51
N SER E 450 17.69 43.27 -19.83
CA SER E 450 18.24 42.18 -19.05
C SER E 450 17.46 41.90 -17.78
N PHE E 451 16.75 42.90 -17.26
CA PHE E 451 15.96 42.71 -16.05
C PHE E 451 14.83 41.70 -16.28
N TRP E 452 14.19 41.76 -17.44
CA TRP E 452 13.08 40.87 -17.73
C TRP E 452 13.51 39.50 -18.24
N LEU E 453 14.79 39.30 -18.52
CA LEU E 453 15.26 37.99 -18.95
C LEU E 453 15.09 36.96 -17.84
N LEU E 454 15.39 37.34 -16.60
CA LEU E 454 15.22 36.41 -15.49
C LEU E 454 13.76 36.01 -15.32
N TRP E 455 12.85 36.98 -15.44
CA TRP E 455 11.44 36.66 -15.38
C TRP E 455 11.00 35.83 -16.59
N ALA E 456 11.65 36.02 -17.73
CA ALA E 456 11.38 35.15 -18.88
C ALA E 456 11.80 33.72 -18.60
N ASN E 457 12.86 33.52 -17.81
CA ASN E 457 13.30 32.18 -17.45
C ASN E 457 12.23 31.45 -16.63
N SER E 458 11.45 32.19 -15.85
CA SER E 458 10.39 31.58 -15.06
C SER E 458 9.24 31.07 -15.91
N ALA E 459 9.15 31.49 -17.17
CA ALA E 459 8.16 30.95 -18.09
C ALA E 459 8.70 29.79 -18.90
N VAL E 460 9.99 29.80 -19.22
CA VAL E 460 10.61 28.70 -19.95
C VAL E 460 10.67 27.45 -19.08
N ASN E 461 10.89 27.61 -17.77
CA ASN E 461 11.07 26.45 -16.90
C ASN E 461 9.93 25.45 -16.95
N PRO E 462 8.65 25.84 -16.96
CA PRO E 462 7.60 24.83 -17.15
C PRO E 462 7.77 24.02 -18.43
N VAL E 463 8.27 24.64 -19.49
CA VAL E 463 8.46 23.92 -20.75
C VAL E 463 9.60 22.91 -20.63
N LEU E 464 10.68 23.29 -19.93
CA LEU E 464 11.87 22.43 -19.92
C LEU E 464 11.72 21.23 -19.00
N TYR E 465 11.62 21.47 -17.70
CA TYR E 465 11.71 20.36 -16.75
C TYR E 465 10.43 19.55 -16.65
N PRO E 466 9.27 20.16 -16.34
CA PRO E 466 8.07 19.32 -16.14
C PRO E 466 7.51 18.73 -17.44
N LEU E 467 7.49 19.51 -18.52
CA LEU E 467 6.93 19.03 -19.77
C LEU E 467 7.73 17.87 -20.34
N CYS E 468 9.06 17.96 -20.30
CA CYS E 468 9.88 16.87 -20.82
C CYS E 468 9.86 15.64 -19.92
N HIS E 469 9.32 15.75 -18.71
CA HIS E 469 9.27 14.62 -17.81
C HIS E 469 8.21 13.61 -18.27
N HIS E 470 8.56 12.33 -18.17
CA HIS E 470 7.66 11.27 -18.65
C HIS E 470 6.37 11.22 -17.85
N SER E 471 6.46 11.32 -16.52
CA SER E 471 5.28 11.16 -15.68
C SER E 471 4.35 12.36 -15.72
N PHE E 472 4.91 13.57 -15.82
CA PHE E 472 4.05 14.76 -15.82
C PHE E 472 3.22 14.85 -17.09
N ARG E 473 3.75 14.39 -18.22
CA ARG E 473 2.98 14.39 -19.46
C ARG E 473 1.78 13.46 -19.36
N ARG E 474 1.95 12.31 -18.71
CA ARG E 474 0.83 11.40 -18.49
C ARG E 474 -0.23 12.05 -17.62
N ALA E 475 0.18 12.77 -16.58
CA ALA E 475 -0.77 13.48 -15.74
C ALA E 475 -1.39 14.69 -16.44
N PHE E 476 -0.74 15.21 -17.47
CA PHE E 476 -1.34 16.31 -18.23
C PHE E 476 -2.50 15.82 -19.08
N THR E 477 -2.33 14.69 -19.76
CA THR E 477 -3.41 14.18 -20.60
C THR E 477 -4.60 13.72 -19.77
N LYS E 478 -4.35 13.25 -18.55
CA LYS E 478 -5.44 12.85 -17.66
C LYS E 478 -6.37 14.03 -17.35
N LEU E 479 -5.79 15.21 -17.13
CA LEU E 479 -6.60 16.41 -16.94
C LEU E 479 -7.17 16.95 -18.25
N LEU E 480 -6.43 16.79 -19.35
CA LEU E 480 -6.90 17.29 -20.64
C LEU E 480 -6.27 16.54 -21.80
#